data_6ZPY
#
_entry.id   6ZPY
#
_cell.length_a   59.708
_cell.length_b   65.043
_cell.length_c   174.122
_cell.angle_alpha   90.000
_cell.angle_beta   90.000
_cell.angle_gamma   90.000
#
_symmetry.space_group_name_H-M   'P 21 21 21'
#
loop_
_entity.id
_entity.type
_entity.pdbx_description
1 polymer MgGH51
2 branched 2-acetamido-2-deoxy-beta-D-glucopyranose-(1-4)-2-acetamido-2-deoxy-beta-D-glucopyranose
3 branched beta-D-mannopyranose-(1-4)-2-acetamido-2-deoxy-beta-D-glucopyranose-(1-4)-2-acetamido-2-deoxy-beta-D-glucopyranose
4 non-polymer alpha-L-arabinofuranose
5 non-polymer 'NITRATE ION'
6 non-polymer 'CHLORIDE ION'
7 water water
#
_entity_poly.entity_id   1
_entity_poly.type   'polypeptide(L)'
_entity_poly.pdbx_seq_one_letter_code
;VTVTVNKNPSHTVPSTLYGLMFEDINHSGDGGLYAELLQNRAFQQVTPNTAAALAAWHPISNAKLAVIQDPSPVSNALPN
SLQFSVPSGSSGRVGFTNEGFWGIKVDSTWTYKASLFFRFPTSSSFSGALTVGLQTNAGRVLAQNSTQIRGTTTKWTQIN
LELHPTASAPDVSNSFFVTIDGAAGAGQTINFAMFSLFPPTFKNRPNGLRADIAETLAEMGPSFFRFPGGNNLEGQTTAT
RWQWNATVGSLLDRPGRVGDWGYVNTDGLGLLEYLQFFEDTGMEPIMAVWAGYSLGGTSLAENQLAPYIQQAIDQINFVI
GDPAKSAPAALRASLGHPEPFTLRFVEVGNEDFFAAGSYPYRWHDFVTALQAQFPQIRFIATTNAWNPVLSPVPQSYDVH
VYQTPTWFYQNAFYYDGFQRNGTTYFEGEYAAISTNANDLFGTVADGRLAFPTVQSATGEAAFMTGLERNSDIVFAASYA
PLLQHVNSTQWTPDLVSYDAGSVIKSTSFFAQKLFALNKGDQYLPSTLPTNGGTLHWSITRASSSGKTFIKIANAGSSAQ
SLTFQLTQFNSVSSTGTLQVLTGPETASNTPEAPQAIVPKTSTIGTGKTFTYNAPAFSVSVITVTTN
;
_entity_poly.pdbx_strand_id   AAA
#
loop_
_chem_comp.id
_chem_comp.type
_chem_comp.name
_chem_comp.formula
AHR L-saccharide, alpha linking alpha-L-arabinofuranose 'C5 H10 O5'
BMA D-saccharide, beta linking beta-D-mannopyranose 'C6 H12 O6'
CL non-polymer 'CHLORIDE ION' 'Cl -1'
NAG D-saccharide, beta linking 2-acetamido-2-deoxy-beta-D-glucopyranose 'C8 H15 N O6'
NO3 non-polymer 'NITRATE ION' 'N O3 -1'
#
# COMPACT_ATOMS: atom_id res chain seq x y z
N VAL A 1 -9.98 -7.43 -37.54
CA VAL A 1 -8.57 -7.44 -37.81
C VAL A 1 -8.09 -8.88 -37.66
N THR A 2 -7.22 -9.31 -38.56
CA THR A 2 -6.56 -10.62 -38.48
C THR A 2 -5.26 -10.42 -37.74
N VAL A 3 -5.08 -11.19 -36.69
CA VAL A 3 -3.86 -11.14 -35.87
C VAL A 3 -3.12 -12.45 -36.04
N THR A 4 -1.94 -12.34 -36.65
CA THR A 4 -1.05 -13.48 -36.82
C THR A 4 -0.12 -13.53 -35.64
N VAL A 5 0.01 -14.68 -35.02
CA VAL A 5 0.83 -14.89 -33.81
C VAL A 5 2.10 -15.62 -34.25
N ASN A 6 3.27 -15.02 -34.03
CA ASN A 6 4.57 -15.69 -34.33
C ASN A 6 4.77 -16.77 -33.25
N LYS A 7 5.22 -17.96 -33.61
CA LYS A 7 5.59 -18.99 -32.60
C LYS A 7 6.94 -18.65 -31.95
N ASN A 8 7.82 -17.91 -32.64
CA ASN A 8 9.18 -17.67 -32.12
C ASN A 8 9.15 -16.47 -31.16
N PRO A 9 9.50 -16.64 -29.90
CA PRO A 9 9.47 -15.49 -28.98
C PRO A 9 10.52 -14.45 -29.35
N SER A 10 10.23 -13.20 -29.12
CA SER A 10 11.19 -12.10 -29.38
C SER A 10 12.02 -11.79 -28.15
N HIS A 11 11.47 -11.98 -26.95
CA HIS A 11 12.25 -11.75 -25.71
C HIS A 11 11.57 -12.44 -24.56
N THR A 12 12.30 -12.60 -23.47
CA THR A 12 11.83 -13.15 -22.18
C THR A 12 11.08 -12.01 -21.47
N VAL A 13 9.90 -12.33 -20.97
CA VAL A 13 9.08 -11.33 -20.23
C VAL A 13 9.62 -11.27 -18.82
N PRO A 14 9.97 -10.07 -18.29
CA PRO A 14 10.51 -9.99 -16.95
C PRO A 14 9.56 -10.59 -15.91
N SER A 15 10.11 -11.28 -14.94
CA SER A 15 9.33 -11.78 -13.78
C SER A 15 8.65 -10.60 -13.06
N THR A 16 9.23 -9.41 -13.14
CA THR A 16 8.83 -8.19 -12.40
C THR A 16 7.80 -7.33 -13.12
N LEU A 17 7.27 -7.75 -14.24
CA LEU A 17 6.55 -6.78 -15.10
C LEU A 17 5.37 -6.14 -14.36
N TYR A 18 4.63 -6.89 -13.59
CA TYR A 18 3.42 -6.31 -12.96
C TYR A 18 3.56 -6.40 -11.44
N GLY A 19 3.32 -5.26 -10.79
CA GLY A 19 3.40 -5.19 -9.32
C GLY A 19 2.68 -4.00 -8.77
N LEU A 20 3.02 -3.72 -7.51
CA LEU A 20 2.25 -2.73 -6.73
C LEU A 20 3.07 -1.54 -6.33
N MET A 21 2.41 -0.40 -6.25
CA MET A 21 3.02 0.83 -5.71
C MET A 21 2.35 1.22 -4.41
N PHE A 22 3.13 1.32 -3.37
CA PHE A 22 2.62 1.62 -2.03
C PHE A 22 3.30 2.85 -1.45
N GLU A 23 2.47 3.68 -0.87
CA GLU A 23 2.85 4.66 0.15
C GLU A 23 1.64 4.75 1.07
N ASP A 24 1.82 5.37 2.21
CA ASP A 24 0.66 5.63 3.11
C ASP A 24 -0.02 6.91 2.62
N ILE A 25 -1.06 6.73 1.87
CA ILE A 25 -1.90 7.78 1.27
C ILE A 25 -3.32 7.26 1.45
N ASN A 26 -4.30 8.14 1.65
CA ASN A 26 -5.70 7.70 1.81
C ASN A 26 -5.80 6.69 2.97
N HIS A 27 -4.95 6.80 3.97
CA HIS A 27 -4.96 5.82 5.08
C HIS A 27 -4.84 4.42 4.51
N SER A 28 -3.89 4.26 3.59
CA SER A 28 -3.52 2.94 3.05
C SER A 28 -2.65 2.14 4.01
N GLY A 29 -1.92 2.80 4.91
CA GLY A 29 -1.04 2.13 5.86
C GLY A 29 -1.80 2.11 7.17
N ASP A 30 -1.62 3.16 7.94
CA ASP A 30 -2.46 3.37 9.13
C ASP A 30 -3.92 3.52 8.70
N GLY A 31 -4.75 2.62 9.20
CA GLY A 31 -6.15 2.62 8.81
C GLY A 31 -6.48 1.71 7.65
N GLY A 32 -5.46 1.09 7.06
CA GLY A 32 -5.62 0.33 5.80
C GLY A 32 -4.95 -1.03 5.91
N LEU A 33 -3.82 -1.16 5.20
CA LEU A 33 -3.11 -2.45 5.16
C LEU A 33 -2.59 -2.82 6.54
N TYR A 34 -2.17 -1.85 7.34
CA TYR A 34 -1.66 -2.17 8.69
C TYR A 34 -2.87 -2.44 9.62
N ALA A 35 -2.87 -3.58 10.31
CA ALA A 35 -4.13 -4.08 10.92
C ALA A 35 -4.55 -3.35 12.19
N GLU A 36 -3.77 -2.48 12.75
CA GLU A 36 -4.12 -1.72 13.96
C GLU A 36 -5.48 -1.06 13.78
N LEU A 37 -6.34 -1.20 14.79
CA LEU A 37 -7.71 -0.69 14.71
C LEU A 37 -7.90 0.64 15.40
N LEU A 38 -7.00 1.03 16.30
CA LEU A 38 -7.16 2.29 17.02
C LEU A 38 -6.46 3.42 16.30
N GLN A 39 -7.15 4.51 16.08
CA GLN A 39 -6.55 5.68 15.41
C GLN A 39 -5.92 6.53 16.51
N ASN A 40 -4.78 7.15 16.22
CA ASN A 40 -4.08 8.00 17.20
C ASN A 40 -3.84 7.17 18.45
N ARG A 41 -3.26 5.99 18.26
CA ARG A 41 -3.15 5.00 19.33
C ARG A 41 -2.18 5.40 20.41
N ALA A 42 -1.19 6.24 20.06
CA ALA A 42 -0.09 6.55 20.97
C ALA A 42 0.20 8.05 20.98
N PHE A 43 -0.74 8.86 20.52
CA PHE A 43 -0.62 10.31 20.64
C PHE A 43 0.65 10.79 19.95
N GLN A 44 1.02 10.15 18.87
CA GLN A 44 2.29 10.50 18.20
C GLN A 44 2.12 11.81 17.44
N GLN A 45 3.10 12.69 17.63
CA GLN A 45 3.26 13.90 16.81
C GLN A 45 2.04 14.82 16.95
N VAL A 46 1.42 14.82 18.14
CA VAL A 46 0.35 15.77 18.44
C VAL A 46 0.85 16.70 19.55
N THR A 47 0.16 17.80 19.70
CA THR A 47 0.50 18.84 20.67
C THR A 47 -0.27 18.57 21.95
N PRO A 48 0.40 18.42 23.09
CA PRO A 48 -0.27 18.22 24.37
C PRO A 48 -1.28 19.32 24.63
N ASN A 49 -2.35 18.95 25.34
CA ASN A 49 -3.34 19.95 25.87
C ASN A 49 -4.07 20.62 24.71
N THR A 50 -4.26 19.89 23.60
CA THR A 50 -5.08 20.37 22.48
C THR A 50 -6.18 19.36 22.17
N ALA A 51 -7.21 19.86 21.55
CA ALA A 51 -8.32 19.00 21.11
C ALA A 51 -7.80 17.98 20.09
N ALA A 52 -6.98 18.44 19.16
CA ALA A 52 -6.51 17.54 18.09
C ALA A 52 -5.64 16.42 18.65
N ALA A 53 -5.01 16.61 19.80
CA ALA A 53 -4.22 15.54 20.42
C ALA A 53 -5.14 14.38 20.82
N LEU A 54 -6.41 14.71 21.12
CA LEU A 54 -7.44 13.72 21.50
C LEU A 54 -8.15 13.14 20.30
N ALA A 55 -7.73 13.40 19.07
CA ALA A 55 -8.40 12.89 17.88
C ALA A 55 -8.65 11.40 18.04
N ALA A 56 -9.88 11.02 17.74
CA ALA A 56 -10.43 9.66 17.75
C ALA A 56 -10.81 9.19 19.15
N TRP A 57 -10.47 9.94 20.19
CA TRP A 57 -10.74 9.55 21.58
C TRP A 57 -11.88 10.38 22.15
N HIS A 58 -12.69 9.72 22.99
CA HIS A 58 -13.88 10.36 23.55
C HIS A 58 -14.08 9.89 24.96
N PRO A 59 -14.59 10.76 25.86
CA PRO A 59 -14.90 10.28 27.19
C PRO A 59 -16.14 9.37 27.21
N ILE A 60 -16.13 8.53 28.23
CA ILE A 60 -17.36 7.85 28.71
C ILE A 60 -17.75 8.54 30.00
N SER A 61 -19.01 8.92 30.08
CA SER A 61 -19.59 9.59 31.26
C SER A 61 -18.78 10.84 31.54
N ASN A 62 -18.46 11.10 32.79
CA ASN A 62 -17.85 12.38 33.20
C ASN A 62 -16.34 12.29 33.25
N ALA A 63 -15.75 11.36 32.53
CA ALA A 63 -14.29 11.27 32.41
C ALA A 63 -13.74 12.60 31.88
N LYS A 64 -12.60 12.97 32.44
CA LYS A 64 -11.84 14.14 31.96
C LYS A 64 -10.57 13.62 31.29
N LEU A 65 -10.44 13.99 30.04
CA LEU A 65 -9.30 13.55 29.20
C LEU A 65 -8.46 14.76 28.81
N ALA A 66 -7.15 14.50 28.76
CA ALA A 66 -6.21 15.47 28.17
C ALA A 66 -4.99 14.67 27.77
N VAL A 67 -4.39 15.12 26.67
CA VAL A 67 -3.09 14.53 26.29
C VAL A 67 -2.00 15.41 26.91
N ILE A 68 -1.10 14.80 27.64
CA ILE A 68 -0.06 15.59 28.35
C ILE A 68 1.31 15.14 27.86
N GLN A 69 2.23 16.07 27.98
CA GLN A 69 3.67 15.72 27.90
C GLN A 69 4.02 15.07 29.22
N ASP A 70 4.08 13.76 29.27
CA ASP A 70 4.20 13.06 30.55
C ASP A 70 5.53 13.40 31.18
N PRO A 71 5.57 13.80 32.47
CA PRO A 71 6.86 14.03 33.13
C PRO A 71 7.72 12.75 33.10
N SER A 72 7.07 11.60 32.97
CA SER A 72 7.71 10.26 33.01
CA SER A 72 7.76 10.30 32.96
C SER A 72 7.10 9.44 31.90
N PRO A 73 7.46 9.69 30.62
CA PRO A 73 6.77 9.01 29.53
C PRO A 73 7.13 7.53 29.41
N VAL A 74 6.29 6.85 28.66
CA VAL A 74 6.43 5.39 28.49
C VAL A 74 7.76 5.10 27.79
N SER A 75 8.16 6.00 26.92
CA SER A 75 9.46 5.90 26.22
CA SER A 75 9.44 5.90 26.16
C SER A 75 9.82 7.30 25.70
N ASN A 76 11.04 7.46 25.25
CA ASN A 76 11.47 8.75 24.63
C ASN A 76 10.71 9.01 23.34
N ALA A 77 10.41 7.96 22.59
CA ALA A 77 9.69 8.07 21.30
C ALA A 77 8.23 8.45 21.47
N LEU A 78 7.66 8.17 22.64
CA LEU A 78 6.24 8.42 22.90
C LEU A 78 6.10 9.32 24.13
N PRO A 79 6.39 10.61 23.97
CA PRO A 79 6.45 11.53 25.10
C PRO A 79 5.05 11.86 25.63
N ASN A 80 4.03 11.57 24.86
CA ASN A 80 2.65 11.97 25.22
C ASN A 80 1.93 10.81 25.87
N SER A 81 1.07 11.15 26.84
CA SER A 81 0.19 10.20 27.52
C SER A 81 -1.23 10.77 27.48
N LEU A 82 -2.17 9.84 27.58
CA LEU A 82 -3.57 10.20 27.86
C LEU A 82 -3.75 10.29 29.35
N GLN A 83 -4.07 11.48 29.80
CA GLN A 83 -4.40 11.68 31.22
C GLN A 83 -5.90 11.48 31.38
N PHE A 84 -6.24 10.45 32.13
CA PHE A 84 -7.65 10.09 32.39
C PHE A 84 -7.96 10.40 33.85
N SER A 85 -8.86 11.35 34.06
CA SER A 85 -9.23 11.76 35.42
C SER A 85 -10.72 11.48 35.62
N VAL A 86 -11.02 10.90 36.77
CA VAL A 86 -12.41 10.65 37.23
C VAL A 86 -12.74 11.66 38.31
N PRO A 87 -13.77 12.49 38.07
CA PRO A 87 -14.15 13.49 39.08
C PRO A 87 -14.49 12.83 40.42
N SER A 88 -14.27 13.58 41.48
CA SER A 88 -14.85 13.22 42.80
C SER A 88 -16.36 12.98 42.65
N GLY A 89 -16.86 12.02 43.42
CA GLY A 89 -18.31 11.77 43.49
C GLY A 89 -18.81 10.90 42.36
N SER A 90 -17.91 10.35 41.54
CA SER A 90 -18.30 9.61 40.34
C SER A 90 -18.89 8.25 40.72
N SER A 91 -19.51 7.62 39.74
CA SER A 91 -20.13 6.29 39.90
C SER A 91 -20.23 5.66 38.52
N GLY A 92 -20.47 4.38 38.52
CA GLY A 92 -20.87 3.64 37.33
C GLY A 92 -19.71 3.51 36.36
N ARG A 93 -20.01 3.57 35.10
CA ARG A 93 -19.06 3.22 34.04
C ARG A 93 -18.39 4.52 33.63
N VAL A 94 -17.12 4.67 33.91
CA VAL A 94 -16.35 5.88 33.51
CA VAL A 94 -16.36 5.87 33.49
C VAL A 94 -15.12 5.42 32.71
N GLY A 95 -14.80 6.14 31.65
CA GLY A 95 -13.65 5.71 30.85
C GLY A 95 -13.59 6.50 29.60
N PHE A 96 -13.23 5.81 28.52
CA PHE A 96 -13.04 6.50 27.23
C PHE A 96 -13.08 5.48 26.11
N THR A 97 -13.34 6.01 24.92
CA THR A 97 -13.44 5.21 23.70
C THR A 97 -12.48 5.73 22.67
N ASN A 98 -12.16 4.84 21.75
CA ASN A 98 -11.51 5.16 20.46
C ASN A 98 -12.43 4.74 19.33
N GLU A 99 -12.70 5.66 18.41
CA GLU A 99 -13.66 5.43 17.32
C GLU A 99 -13.04 4.67 16.16
N GLY A 100 -11.77 4.29 16.27
CA GLY A 100 -11.10 3.61 15.16
C GLY A 100 -10.85 4.58 14.01
N PHE A 101 -10.54 3.98 12.88
CA PHE A 101 -10.45 4.71 11.60
C PHE A 101 -11.83 4.69 10.97
N TRP A 102 -12.66 5.58 11.44
CA TRP A 102 -14.05 5.70 10.92
C TRP A 102 -14.79 4.38 11.14
N GLY A 103 -14.58 3.81 12.30
CA GLY A 103 -15.27 2.59 12.72
C GLY A 103 -14.32 1.48 13.03
N ILE A 104 -14.88 0.39 13.51
CA ILE A 104 -14.15 -0.84 13.83
C ILE A 104 -15.07 -1.98 13.49
N LYS A 105 -14.62 -2.92 12.70
CA LYS A 105 -15.44 -4.11 12.40
C LYS A 105 -15.35 -5.03 13.60
N VAL A 106 -16.53 -5.41 14.11
CA VAL A 106 -16.63 -6.32 15.27
C VAL A 106 -17.26 -7.62 14.80
N ASP A 107 -16.48 -8.66 14.80
CA ASP A 107 -16.79 -9.96 14.16
C ASP A 107 -16.60 -11.02 15.21
N SER A 108 -17.68 -11.74 15.56
CA SER A 108 -17.60 -12.78 16.61
C SER A 108 -16.74 -13.98 16.18
N THR A 109 -16.35 -14.04 14.92
CA THR A 109 -15.48 -15.15 14.46
C THR A 109 -14.02 -14.77 14.67
N TRP A 110 -13.77 -13.57 15.15
CA TRP A 110 -12.39 -13.06 15.38
C TRP A 110 -12.09 -12.93 16.85
N THR A 111 -10.86 -13.24 17.25
CA THR A 111 -10.31 -12.88 18.56
C THR A 111 -9.44 -11.64 18.34
N TYR A 112 -9.61 -10.63 19.16
CA TYR A 112 -8.86 -9.37 19.10
C TYR A 112 -7.86 -9.36 20.23
N LYS A 113 -6.77 -8.67 19.99
CA LYS A 113 -5.72 -8.47 21.01
C LYS A 113 -5.68 -6.99 21.34
N ALA A 114 -6.06 -6.67 22.58
CA ALA A 114 -6.01 -5.31 23.11
C ALA A 114 -4.79 -5.19 24.00
N SER A 115 -4.19 -4.01 23.96
CA SER A 115 -3.13 -3.73 24.91
C SER A 115 -3.04 -2.24 25.16
N LEU A 116 -2.40 -1.95 26.27
CA LEU A 116 -2.14 -0.55 26.64
C LEU A 116 -1.09 -0.56 27.71
N PHE A 117 -0.52 0.61 27.92
CA PHE A 117 0.33 0.86 29.08
C PHE A 117 -0.35 1.90 29.98
N PHE A 118 -0.21 1.68 31.28
CA PHE A 118 -0.75 2.64 32.24
C PHE A 118 0.22 2.80 33.40
N ARG A 119 -0.01 3.91 34.10
CA ARG A 119 0.57 4.14 35.43
C ARG A 119 -0.28 5.20 36.15
N PHE A 120 -0.32 5.04 37.45
CA PHE A 120 -0.88 6.10 38.28
C PHE A 120 0.21 7.10 38.61
N PRO A 121 0.08 8.37 38.20
CA PRO A 121 1.15 9.33 38.52
C PRO A 121 1.22 9.66 40.01
N THR A 122 0.09 9.54 40.69
CA THR A 122 -0.06 9.76 42.15
C THR A 122 -0.40 8.40 42.75
N SER A 123 0.45 7.88 43.60
CA SER A 123 0.18 6.60 44.29
C SER A 123 -1.18 6.71 44.99
N SER A 124 -2.03 5.76 44.70
CA SER A 124 -3.41 5.85 45.19
C SER A 124 -3.79 4.51 45.81
N SER A 125 -4.92 4.49 46.53
CA SER A 125 -5.54 3.28 47.13
C SER A 125 -6.38 2.51 46.11
N PHE A 126 -6.47 2.98 44.87
CA PHE A 126 -7.33 2.31 43.87
C PHE A 126 -7.03 0.81 43.84
N SER A 127 -8.11 0.04 43.86
CA SER A 127 -7.98 -1.42 43.74
C SER A 127 -9.25 -1.94 43.09
N GLY A 128 -9.14 -2.34 41.85
CA GLY A 128 -10.34 -2.66 41.07
C GLY A 128 -9.98 -3.08 39.68
N ALA A 129 -10.98 -3.44 38.91
CA ALA A 129 -10.79 -3.95 37.56
C ALA A 129 -10.68 -2.83 36.56
N LEU A 130 -9.74 -2.99 35.65
CA LEU A 130 -9.70 -2.22 34.40
CA LEU A 130 -9.70 -2.22 34.40
C LEU A 130 -10.32 -3.08 33.30
N THR A 131 -11.33 -2.56 32.64
CA THR A 131 -12.05 -3.31 31.60
C THR A 131 -11.73 -2.67 30.25
N VAL A 132 -11.46 -3.50 29.27
CA VAL A 132 -11.37 -3.04 27.88
C VAL A 132 -12.39 -3.81 27.08
N GLY A 133 -12.74 -3.27 25.93
CA GLY A 133 -13.72 -3.95 25.13
C GLY A 133 -14.06 -3.26 23.85
N LEU A 134 -15.08 -3.80 23.21
CA LEU A 134 -15.67 -3.23 22.01
C LEU A 134 -17.15 -3.01 22.33
N GLN A 135 -17.64 -1.89 21.89
CA GLN A 135 -19.04 -1.53 22.07
C GLN A 135 -19.54 -0.97 20.77
N THR A 136 -20.83 -1.08 20.52
CA THR A 136 -21.41 -0.24 19.46
C THR A 136 -21.33 1.22 19.91
N ASN A 137 -21.43 2.14 18.95
CA ASN A 137 -21.40 3.57 19.30
C ASN A 137 -22.68 4.02 20.02
N ALA A 138 -23.61 3.11 20.30
CA ALA A 138 -24.67 3.39 21.29
C ALA A 138 -24.26 2.94 22.71
N GLY A 139 -23.11 2.34 22.91
CA GLY A 139 -22.64 1.95 24.25
C GLY A 139 -22.95 0.50 24.55
N ARG A 140 -23.57 -0.23 23.60
CA ARG A 140 -23.92 -1.66 23.78
C ARG A 140 -22.63 -2.45 23.72
N VAL A 141 -22.26 -3.10 24.79
CA VAL A 141 -20.97 -3.84 24.88
C VAL A 141 -21.09 -5.14 24.08
N LEU A 142 -20.17 -5.33 23.14
CA LEU A 142 -20.11 -6.56 22.32
C LEU A 142 -18.96 -7.45 22.77
N ALA A 143 -17.91 -6.92 23.36
CA ALA A 143 -16.79 -7.73 23.84
C ALA A 143 -16.21 -7.03 25.06
N GLN A 144 -15.73 -7.81 26.03
CA GLN A 144 -15.09 -7.20 27.20
C GLN A 144 -14.18 -8.21 27.83
N ASN A 145 -13.17 -7.68 28.47
CA ASN A 145 -12.24 -8.44 29.31
C ASN A 145 -11.67 -7.47 30.31
N SER A 146 -11.20 -7.98 31.42
CA SER A 146 -10.68 -7.11 32.48
C SER A 146 -9.55 -7.76 33.21
N THR A 147 -8.87 -6.92 33.98
CA THR A 147 -7.78 -7.35 34.85
C THR A 147 -7.72 -6.40 36.05
N GLN A 148 -7.21 -6.89 37.15
CA GLN A 148 -7.05 -6.07 38.35
C GLN A 148 -5.85 -5.14 38.18
N ILE A 149 -6.04 -3.90 38.58
CA ILE A 149 -4.94 -2.93 38.69
C ILE A 149 -4.98 -2.28 40.04
N ARG A 150 -3.87 -1.67 40.39
CA ARG A 150 -3.67 -1.09 41.72
C ARG A 150 -3.10 0.31 41.59
N GLY A 151 -3.65 1.26 42.33
CA GLY A 151 -3.19 2.65 42.35
C GLY A 151 -1.76 2.78 42.79
N THR A 152 -1.22 1.74 43.40
CA THR A 152 0.22 1.82 43.83
C THR A 152 1.16 1.63 42.64
N THR A 153 0.64 1.29 41.48
CA THR A 153 1.48 1.06 40.29
C THR A 153 1.76 2.41 39.66
N THR A 154 2.87 3.01 40.01
CA THR A 154 3.26 4.37 39.55
C THR A 154 4.30 4.28 38.43
N LYS A 155 4.67 3.07 38.04
CA LYS A 155 5.59 2.84 36.90
C LYS A 155 4.81 2.17 35.78
N TRP A 156 5.20 2.47 34.55
CA TRP A 156 4.49 1.95 33.37
C TRP A 156 4.37 0.45 33.42
N THR A 157 3.16 0.01 33.12
CA THR A 157 2.77 -1.39 33.15
C THR A 157 1.91 -1.67 31.93
N GLN A 158 2.21 -2.75 31.24
CA GLN A 158 1.39 -3.13 30.09
C GLN A 158 0.30 -4.09 30.52
N ILE A 159 -0.87 -3.86 29.94
N ILE A 159 -0.87 -3.85 29.97
CA ILE A 159 -2.05 -4.74 30.01
CA ILE A 159 -2.02 -4.79 30.02
C ILE A 159 -2.23 -5.39 28.64
C ILE A 159 -2.20 -5.40 28.64
N ASN A 160 -2.42 -6.70 28.60
CA ASN A 160 -2.67 -7.45 27.36
C ASN A 160 -3.89 -8.33 27.58
N LEU A 161 -4.96 -8.01 26.86
CA LEU A 161 -6.24 -8.77 27.02
C LEU A 161 -6.81 -9.11 25.67
N GLU A 162 -7.21 -10.36 25.52
CA GLU A 162 -7.94 -10.79 24.34
C GLU A 162 -9.40 -10.39 24.46
N LEU A 163 -10.05 -10.23 23.32
CA LEU A 163 -11.47 -9.86 23.27
C LEU A 163 -12.20 -10.79 22.32
N HIS A 164 -13.31 -11.30 22.82
N HIS A 164 -13.31 -11.30 22.82
CA HIS A 164 -14.18 -12.24 22.08
CA HIS A 164 -14.18 -12.24 22.08
C HIS A 164 -15.57 -11.66 22.00
C HIS A 164 -15.57 -11.66 22.00
N PRO A 165 -16.01 -11.14 20.85
CA PRO A 165 -17.35 -10.57 20.78
C PRO A 165 -18.42 -11.62 20.98
N THR A 166 -19.49 -11.21 21.66
CA THR A 166 -20.66 -12.07 21.85
C THR A 166 -21.56 -12.09 20.63
N ALA A 167 -21.40 -11.09 19.79
CA ALA A 167 -22.16 -10.97 18.56
C ALA A 167 -21.38 -10.10 17.60
N SER A 168 -21.48 -10.39 16.32
CA SER A 168 -20.96 -9.47 15.29
C SER A 168 -21.84 -8.23 15.29
N ALA A 169 -21.26 -7.08 15.07
CA ALA A 169 -22.02 -5.82 14.93
C ALA A 169 -22.71 -5.78 13.61
N PRO A 170 -23.82 -5.04 13.53
CA PRO A 170 -24.57 -4.93 12.29
C PRO A 170 -23.92 -3.95 11.30
N ASP A 171 -22.96 -3.15 11.78
CA ASP A 171 -22.25 -2.19 10.91
C ASP A 171 -20.92 -1.93 11.62
N VAL A 172 -20.13 -0.96 11.10
CA VAL A 172 -18.78 -0.73 11.66
C VAL A 172 -18.80 0.41 12.65
N SER A 173 -19.97 0.93 13.03
CA SER A 173 -20.08 2.07 13.97
CA SER A 173 -20.07 2.08 13.96
C SER A 173 -19.90 1.59 15.41
N ASN A 174 -18.69 1.16 15.73
CA ASN A 174 -18.28 0.56 17.02
C ASN A 174 -17.00 1.23 17.47
N SER A 175 -16.72 1.12 18.73
CA SER A 175 -15.57 1.75 19.35
C SER A 175 -14.92 0.79 20.29
N PHE A 176 -13.63 0.99 20.45
CA PHE A 176 -12.91 0.37 21.57
C PHE A 176 -13.16 1.21 22.80
N PHE A 177 -13.23 0.52 23.94
CA PHE A 177 -13.38 1.23 25.22
C PHE A 177 -12.43 0.70 26.28
N VAL A 178 -12.18 1.61 27.23
CA VAL A 178 -11.50 1.33 28.51
C VAL A 178 -12.36 1.95 29.59
N THR A 179 -12.66 1.16 30.60
CA THR A 179 -13.49 1.67 31.70
C THR A 179 -12.99 1.17 33.03
N ILE A 180 -13.31 1.98 34.03
CA ILE A 180 -13.24 1.54 35.45
C ILE A 180 -14.53 1.91 36.14
N ASP A 181 -14.64 1.38 37.34
CA ASP A 181 -15.80 1.72 38.21
C ASP A 181 -15.61 3.19 38.66
N GLY A 182 -16.60 4.01 38.45
CA GLY A 182 -16.51 5.44 38.76
C GLY A 182 -16.38 5.69 40.25
N ALA A 183 -17.01 4.88 41.10
CA ALA A 183 -16.86 5.12 42.55
C ALA A 183 -15.43 4.71 42.99
N ALA A 184 -14.95 3.58 42.53
CA ALA A 184 -13.59 3.12 42.85
C ALA A 184 -12.59 4.17 42.37
N GLY A 185 -12.85 4.78 41.22
CA GLY A 185 -11.89 5.67 40.56
C GLY A 185 -12.05 7.11 40.96
N ALA A 186 -13.11 7.43 41.71
CA ALA A 186 -13.46 8.84 42.01
C ALA A 186 -12.23 9.59 42.54
N GLY A 187 -11.97 10.75 41.96
CA GLY A 187 -10.86 11.60 42.41
C GLY A 187 -9.51 11.14 41.91
N GLN A 188 -9.45 10.14 41.08
CA GLN A 188 -8.13 9.62 40.65
C GLN A 188 -7.84 9.89 39.19
N THR A 189 -6.55 9.83 38.91
CA THR A 189 -6.02 9.99 37.57
C THR A 189 -5.14 8.79 37.20
N ILE A 190 -5.31 8.33 35.97
CA ILE A 190 -4.41 7.30 35.38
C ILE A 190 -3.83 7.90 34.10
N ASN A 191 -2.52 7.68 33.92
CA ASN A 191 -1.88 7.99 32.64
C ASN A 191 -1.83 6.72 31.79
N PHE A 192 -2.14 6.89 30.52
CA PHE A 192 -2.11 5.79 29.55
C PHE A 192 -1.22 6.17 28.38
N ALA A 193 -0.68 5.15 27.74
CA ALA A 193 0.14 5.38 26.56
C ALA A 193 0.08 4.11 25.72
N MET A 194 0.43 4.26 24.46
CA MET A 194 0.70 3.13 23.57
C MET A 194 -0.41 2.10 23.64
N PHE A 195 -1.58 2.54 23.21
CA PHE A 195 -2.73 1.63 23.06
C PHE A 195 -2.59 0.82 21.79
N SER A 196 -3.20 -0.35 21.75
CA SER A 196 -3.30 -1.12 20.49
C SER A 196 -4.52 -2.05 20.55
N LEU A 197 -5.12 -2.22 19.41
CA LEU A 197 -6.14 -3.26 19.21
C LEU A 197 -5.90 -3.86 17.83
N PHE A 198 -5.68 -5.17 17.82
CA PHE A 198 -5.48 -5.89 16.57
C PHE A 198 -6.56 -6.95 16.41
N PRO A 199 -7.04 -7.11 15.17
CA PRO A 199 -7.77 -8.31 14.80
C PRO A 199 -6.79 -9.42 14.49
N PRO A 200 -7.27 -10.61 14.11
CA PRO A 200 -6.38 -11.60 13.51
C PRO A 200 -5.75 -10.97 12.28
N THR A 201 -4.47 -11.28 12.08
CA THR A 201 -3.71 -10.66 10.98
C THR A 201 -3.43 -11.65 9.87
N PHE A 202 -3.15 -11.08 8.70
CA PHE A 202 -2.68 -11.87 7.54
C PHE A 202 -1.49 -12.74 7.95
N LYS A 203 -1.62 -14.04 7.69
CA LYS A 203 -0.57 -15.02 8.01
C LYS A 203 -0.23 -15.05 9.50
N ASN A 204 -1.15 -14.53 10.33
CA ASN A 204 -0.97 -14.52 11.82
CA ASN A 204 -0.95 -14.53 11.82
C ASN A 204 0.37 -13.82 12.15
N ARG A 205 0.76 -12.88 11.33
CA ARG A 205 2.02 -12.14 11.64
C ARG A 205 1.77 -11.28 12.86
N PRO A 206 2.68 -11.30 13.85
CA PRO A 206 2.71 -10.26 14.84
C PRO A 206 2.92 -8.89 14.20
N ASN A 207 2.11 -7.95 14.66
CA ASN A 207 2.15 -6.55 14.18
C ASN A 207 1.87 -6.53 12.68
N GLY A 208 0.97 -7.39 12.23
CA GLY A 208 0.76 -7.60 10.80
C GLY A 208 -0.40 -6.85 10.23
N LEU A 209 -0.89 -7.39 9.12
CA LEU A 209 -1.68 -6.67 8.14
C LEU A 209 -3.12 -7.13 8.15
N ARG A 210 -3.97 -6.25 7.69
CA ARG A 210 -5.42 -6.48 7.60
C ARG A 210 -5.72 -7.52 6.53
N ALA A 211 -6.41 -8.57 6.92
CA ALA A 211 -6.52 -9.80 6.12
C ALA A 211 -7.19 -9.53 4.79
N ASP A 212 -8.34 -8.90 4.76
CA ASP A 212 -9.06 -8.78 3.48
C ASP A 212 -8.21 -7.97 2.48
N ILE A 213 -7.60 -6.91 2.96
CA ILE A 213 -6.78 -6.04 2.06
C ILE A 213 -5.54 -6.85 1.62
N ALA A 214 -4.83 -7.42 2.53
CA ALA A 214 -3.62 -8.18 2.18
C ALA A 214 -3.97 -9.27 1.15
N GLU A 215 -5.04 -10.01 1.40
CA GLU A 215 -5.45 -11.08 0.48
C GLU A 215 -5.77 -10.49 -0.89
N THR A 216 -6.39 -9.33 -0.93
CA THR A 216 -6.77 -8.68 -2.18
C THR A 216 -5.49 -8.34 -2.95
N LEU A 217 -4.50 -7.82 -2.26
CA LEU A 217 -3.22 -7.52 -2.94
C LEU A 217 -2.60 -8.81 -3.44
N ALA A 218 -2.61 -9.87 -2.65
CA ALA A 218 -2.02 -11.15 -3.08
C ALA A 218 -2.81 -11.72 -4.28
N GLU A 219 -4.12 -11.43 -4.36
CA GLU A 219 -5.03 -11.98 -5.40
C GLU A 219 -4.59 -11.49 -6.77
N MET A 220 -4.01 -10.30 -6.86
N MET A 220 -3.98 -10.32 -6.81
CA MET A 220 -3.59 -9.70 -8.15
CA MET A 220 -3.62 -9.66 -8.08
C MET A 220 -2.43 -10.47 -8.77
C MET A 220 -2.33 -10.27 -8.65
N GLY A 221 -1.69 -11.20 -7.96
CA GLY A 221 -0.47 -11.88 -8.42
C GLY A 221 0.67 -10.90 -8.67
N PRO A 222 0.89 -9.90 -7.79
CA PRO A 222 1.97 -8.96 -8.03
C PRO A 222 3.33 -9.63 -7.82
N SER A 223 4.31 -9.08 -8.51
CA SER A 223 5.70 -9.60 -8.46
C SER A 223 6.62 -8.69 -7.70
N PHE A 224 6.20 -7.45 -7.45
CA PHE A 224 7.02 -6.49 -6.70
C PHE A 224 6.11 -5.54 -5.96
N PHE A 225 6.75 -4.86 -5.02
CA PHE A 225 6.11 -3.86 -4.19
C PHE A 225 7.08 -2.69 -4.07
N ARG A 226 6.70 -1.60 -4.69
CA ARG A 226 7.50 -0.36 -4.60
C ARG A 226 7.07 0.36 -3.33
N PHE A 227 7.99 0.80 -2.51
CA PHE A 227 7.65 1.41 -1.23
C PHE A 227 8.88 2.11 -0.71
N PRO A 228 8.81 3.01 0.29
CA PRO A 228 7.58 3.46 0.93
C PRO A 228 6.99 4.69 0.32
N GLY A 229 7.45 5.10 -0.84
CA GLY A 229 6.83 6.19 -1.61
C GLY A 229 7.65 6.54 -2.84
N GLY A 230 7.10 7.35 -3.73
CA GLY A 230 5.95 8.18 -3.44
C GLY A 230 6.27 9.38 -2.58
N ASN A 231 5.34 10.33 -2.56
CA ASN A 231 5.56 11.56 -1.77
C ASN A 231 5.82 11.27 -0.31
N ASN A 232 5.20 10.23 0.21
CA ASN A 232 5.30 9.97 1.65
C ASN A 232 6.71 9.59 2.07
N LEU A 233 7.58 9.26 1.10
CA LEU A 233 9.01 9.08 1.40
C LEU A 233 9.66 10.42 1.77
N GLU A 234 9.24 11.48 1.09
CA GLU A 234 10.05 12.68 0.97
C GLU A 234 9.98 13.57 2.20
N GLY A 235 8.82 13.63 2.87
CA GLY A 235 8.63 14.62 3.92
C GLY A 235 8.36 15.97 3.31
N GLN A 236 7.95 16.91 4.16
CA GLN A 236 7.78 18.30 3.75
C GLN A 236 9.08 19.06 3.97
N THR A 237 9.93 18.51 4.81
CA THR A 237 11.18 19.11 5.23
C THR A 237 12.16 17.96 5.45
N THR A 238 13.43 18.25 5.51
CA THR A 238 14.44 17.22 5.81
C THR A 238 14.01 16.46 7.05
N ALA A 239 13.62 17.20 8.09
CA ALA A 239 13.36 16.62 9.41
C ALA A 239 12.15 15.69 9.37
N THR A 240 11.22 15.89 8.43
CA THR A 240 9.99 15.10 8.42
C THR A 240 9.98 14.02 7.34
N ARG A 241 11.12 13.74 6.74
CA ARG A 241 11.25 12.66 5.75
C ARG A 241 10.98 11.31 6.42
N TRP A 242 10.67 10.31 5.61
CA TRP A 242 10.64 8.94 6.11
C TRP A 242 12.05 8.49 6.50
N GLN A 243 12.21 7.83 7.63
CA GLN A 243 13.52 7.33 8.12
C GLN A 243 13.35 5.89 8.49
N TRP A 244 14.15 4.99 7.93
CA TRP A 244 13.89 3.55 8.11
C TRP A 244 14.00 3.18 9.58
N ASN A 245 14.96 3.75 10.28
CA ASN A 245 15.32 3.26 11.62
C ASN A 245 14.24 3.62 12.62
N ALA A 246 13.46 4.63 12.31
CA ALA A 246 12.33 5.06 13.17
C ALA A 246 11.18 4.08 13.02
N THR A 247 11.27 3.14 12.09
CA THR A 247 10.18 2.23 11.72
C THR A 247 10.44 0.80 12.16
N VAL A 248 11.56 0.55 12.79
CA VAL A 248 11.94 -0.80 13.22
C VAL A 248 12.06 -0.82 14.73
N GLY A 249 11.91 -2.01 15.27
CA GLY A 249 12.03 -2.28 16.70
C GLY A 249 10.67 -2.16 17.39
N SER A 250 10.75 -2.18 18.69
CA SER A 250 9.56 -2.13 19.55
C SER A 250 8.68 -0.96 19.11
N LEU A 251 7.37 -1.13 19.18
CA LEU A 251 6.45 -0.01 18.91
C LEU A 251 6.70 1.11 19.92
N LEU A 252 7.17 0.80 21.12
CA LEU A 252 7.48 1.88 22.10
C LEU A 252 8.49 2.85 21.54
N ASP A 253 9.32 2.38 20.61
CA ASP A 253 10.49 3.19 20.21
C ASP A 253 10.29 3.78 18.83
N ARG A 254 9.09 3.73 18.30
CA ARG A 254 8.80 4.31 16.98
C ARG A 254 8.08 5.62 17.19
N PRO A 255 8.72 6.77 16.87
CA PRO A 255 8.12 8.05 17.20
C PRO A 255 6.98 8.48 16.31
N GLY A 256 6.86 7.84 15.15
CA GLY A 256 5.90 8.29 14.16
C GLY A 256 6.42 9.54 13.48
N ARG A 257 5.70 9.98 12.49
CA ARG A 257 6.08 11.16 11.72
C ARG A 257 4.82 11.72 11.10
N VAL A 258 4.81 13.00 10.87
CA VAL A 258 3.83 13.65 10.02
C VAL A 258 4.10 13.26 8.60
N GLY A 259 3.21 12.53 7.98
CA GLY A 259 3.36 12.16 6.57
C GLY A 259 2.97 13.27 5.64
N ASP A 260 2.89 12.92 4.37
CA ASP A 260 2.83 13.92 3.28
C ASP A 260 1.42 14.01 2.75
N TRP A 261 0.43 13.51 3.50
CA TRP A 261 -0.98 13.51 3.06
C TRP A 261 -1.93 13.98 4.15
N GLY A 262 -1.42 14.73 5.10
CA GLY A 262 -2.26 15.47 6.04
C GLY A 262 -2.42 14.77 7.36
N TYR A 263 -1.84 13.58 7.58
CA TYR A 263 -2.04 12.83 8.82
C TYR A 263 -0.72 12.27 9.34
N VAL A 264 -0.75 11.97 10.63
CA VAL A 264 0.36 11.32 11.33
C VAL A 264 0.42 9.88 10.91
N ASN A 265 1.63 9.41 10.64
CA ASN A 265 1.93 7.97 10.47
C ASN A 265 2.52 7.44 11.76
N THR A 266 2.00 6.32 12.20
CA THR A 266 2.53 5.69 13.40
C THR A 266 3.88 5.05 13.14
N ASP A 267 4.14 4.71 11.88
CA ASP A 267 5.28 3.84 11.48
C ASP A 267 5.18 2.44 12.10
N GLY A 268 4.00 2.04 12.55
CA GLY A 268 3.73 0.66 12.90
C GLY A 268 3.91 -0.27 11.74
N LEU A 269 3.54 0.20 10.56
CA LEU A 269 3.87 -0.49 9.31
C LEU A 269 5.26 -0.01 8.91
N GLY A 270 6.27 -0.73 9.40
CA GLY A 270 7.67 -0.33 9.21
C GLY A 270 8.44 -1.33 8.39
N LEU A 271 9.71 -1.05 8.25
CA LEU A 271 10.51 -1.77 7.26
C LEU A 271 10.40 -3.27 7.45
N LEU A 272 10.46 -3.77 8.67
CA LEU A 272 10.43 -5.24 8.84
C LEU A 272 9.05 -5.78 8.44
N GLU A 273 7.98 -5.05 8.79
CA GLU A 273 6.64 -5.53 8.44
C GLU A 273 6.46 -5.55 6.92
N TYR A 274 6.99 -4.57 6.23
CA TYR A 274 6.97 -4.60 4.74
C TYR A 274 7.69 -5.86 4.24
N LEU A 275 8.90 -6.08 4.74
CA LEU A 275 9.72 -7.20 4.27
C LEU A 275 9.03 -8.53 4.57
N GLN A 276 8.39 -8.65 5.73
CA GLN A 276 7.68 -9.90 6.06
C GLN A 276 6.53 -10.09 5.07
N PHE A 277 5.82 -9.03 4.71
CA PHE A 277 4.70 -9.14 3.76
C PHE A 277 5.24 -9.67 2.43
N PHE A 278 6.40 -9.19 1.98
CA PHE A 278 6.98 -9.65 0.70
C PHE A 278 7.26 -11.14 0.81
N GLU A 279 7.81 -11.58 1.95
CA GLU A 279 8.08 -13.01 2.18
C GLU A 279 6.77 -13.78 2.06
N ASP A 280 5.72 -13.21 2.61
CA ASP A 280 4.41 -13.89 2.72
C ASP A 280 3.69 -13.95 1.37
N THR A 281 4.07 -13.14 0.41
CA THR A 281 3.36 -13.02 -0.88
C THR A 281 4.23 -13.39 -2.06
N GLY A 282 5.53 -13.62 -1.87
CA GLY A 282 6.44 -13.84 -3.00
C GLY A 282 6.76 -12.60 -3.81
N MET A 283 6.41 -11.40 -3.35
CA MET A 283 6.79 -10.16 -4.03
C MET A 283 8.24 -9.87 -3.70
N GLU A 284 8.90 -9.15 -4.58
CA GLU A 284 10.21 -8.60 -4.25
C GLU A 284 10.09 -7.09 -4.13
N PRO A 285 10.93 -6.45 -3.30
CA PRO A 285 10.84 -5.02 -3.09
C PRO A 285 11.44 -4.24 -4.26
N ILE A 286 10.87 -3.10 -4.53
CA ILE A 286 11.57 -1.99 -5.20
C ILE A 286 11.61 -0.89 -4.16
N MET A 287 12.70 -0.81 -3.44
CA MET A 287 12.76 0.02 -2.24
C MET A 287 13.28 1.38 -2.54
N ALA A 288 12.59 2.43 -2.15
CA ALA A 288 13.12 3.80 -2.33
C ALA A 288 13.96 4.18 -1.13
N VAL A 289 14.97 5.00 -1.41
CA VAL A 289 15.74 5.72 -0.38
C VAL A 289 15.55 7.21 -0.60
N TRP A 290 15.51 7.89 0.52
CA TRP A 290 15.45 9.35 0.52
C TRP A 290 16.73 9.90 -0.06
N ALA A 291 16.61 10.93 -0.87
CA ALA A 291 17.73 11.33 -1.75
C ALA A 291 18.12 12.81 -1.58
N GLY A 292 17.77 13.45 -0.48
CA GLY A 292 18.23 14.80 -0.19
C GLY A 292 17.26 15.87 -0.63
N TYR A 293 16.02 15.53 -0.97
CA TYR A 293 14.99 16.52 -1.35
C TYR A 293 13.72 16.24 -0.56
N SER A 294 13.04 17.31 -0.18
CA SER A 294 11.72 17.19 0.45
C SER A 294 10.75 18.15 -0.19
N LEU A 295 9.47 17.95 0.09
CA LEU A 295 8.41 18.50 -0.78
C LEU A 295 8.22 20.00 -0.60
N GLY A 296 8.75 20.58 0.47
CA GLY A 296 8.81 22.04 0.61
C GLY A 296 9.80 22.70 -0.32
N GLY A 297 10.61 21.93 -1.07
CA GLY A 297 11.45 22.52 -2.10
C GLY A 297 12.92 22.50 -1.70
N THR A 298 13.27 22.09 -0.51
CA THR A 298 14.64 22.10 -0.01
C THR A 298 15.42 20.90 -0.55
N SER A 299 16.51 21.20 -1.24
CA SER A 299 17.55 20.20 -1.53
C SER A 299 18.68 20.38 -0.53
N LEU A 300 19.17 19.31 0.04
CA LEU A 300 20.42 19.36 0.79
C LEU A 300 21.55 19.71 -0.17
N ALA A 301 22.46 20.54 0.30
CA ALA A 301 23.67 20.89 -0.47
C ALA A 301 24.49 19.62 -0.65
N GLU A 302 25.29 19.62 -1.69
CA GLU A 302 26.17 18.49 -2.01
C GLU A 302 27.05 18.15 -0.81
N ASN A 303 27.56 19.18 -0.11
CA ASN A 303 28.51 18.95 1.01
C ASN A 303 27.73 18.59 2.28
N GLN A 304 26.41 18.36 2.20
CA GLN A 304 25.51 18.05 3.35
CA GLN A 304 25.69 17.96 3.44
C GLN A 304 25.09 16.57 3.27
N LEU A 305 25.34 15.90 2.16
CA LEU A 305 24.67 14.60 1.89
C LEU A 305 25.21 13.45 2.73
N ALA A 306 26.46 13.48 3.22
CA ALA A 306 27.10 12.24 3.65
C ALA A 306 26.29 11.48 4.68
N PRO A 307 25.73 12.14 5.73
CA PRO A 307 25.01 11.35 6.74
C PRO A 307 23.75 10.70 6.17
N TYR A 308 23.16 11.33 5.16
CA TYR A 308 21.92 10.82 4.54
C TYR A 308 22.26 9.64 3.62
N ILE A 309 23.43 9.72 2.94
CA ILE A 309 23.90 8.58 2.15
C ILE A 309 24.16 7.42 3.09
N GLN A 310 24.78 7.69 4.23
CA GLN A 310 25.03 6.60 5.21
C GLN A 310 23.71 6.01 5.66
N GLN A 311 22.70 6.85 5.92
CA GLN A 311 21.39 6.33 6.36
C GLN A 311 20.80 5.40 5.30
N ALA A 312 20.93 5.76 4.02
CA ALA A 312 20.48 4.88 2.93
C ALA A 312 21.25 3.55 2.94
N ILE A 313 22.55 3.59 3.16
CA ILE A 313 23.35 2.36 3.23
C ILE A 313 22.82 1.54 4.39
N ASP A 314 22.59 2.20 5.52
CA ASP A 314 22.10 1.48 6.73
C ASP A 314 20.76 0.78 6.40
N GLN A 315 19.86 1.49 5.74
CA GLN A 315 18.54 1.00 5.36
C GLN A 315 18.70 -0.29 4.53
N ILE A 316 19.56 -0.23 3.53
CA ILE A 316 19.77 -1.39 2.66
C ILE A 316 20.44 -2.51 3.47
N ASN A 317 21.41 -2.20 4.32
CA ASN A 317 22.07 -3.24 5.15
C ASN A 317 21.04 -3.92 6.05
N PHE A 318 20.08 -3.18 6.57
CA PHE A 318 19.01 -3.82 7.37
C PHE A 318 18.36 -4.92 6.54
N VAL A 319 18.11 -4.64 5.25
CA VAL A 319 17.41 -5.59 4.38
C VAL A 319 18.32 -6.79 4.05
N ILE A 320 19.56 -6.55 3.61
CA ILE A 320 20.37 -7.59 2.92
C ILE A 320 21.68 -7.84 3.60
N GLY A 321 22.14 -6.99 4.52
CA GLY A 321 23.53 -7.11 5.00
C GLY A 321 23.77 -8.33 5.86
N ASP A 322 25.02 -8.73 5.95
CA ASP A 322 25.49 -9.80 6.83
C ASP A 322 25.43 -9.27 8.25
N PRO A 323 24.73 -9.96 9.17
CA PRO A 323 24.60 -9.44 10.53
C PRO A 323 25.93 -9.23 11.25
N ALA A 324 26.94 -10.00 10.85
CA ALA A 324 28.30 -9.90 11.46
C ALA A 324 29.02 -8.63 10.98
N LYS A 325 28.53 -7.92 9.94
CA LYS A 325 29.32 -6.85 9.26
C LYS A 325 28.71 -5.44 9.42
N SER A 326 27.51 -5.29 9.96
CA SER A 326 26.92 -3.94 10.19
C SER A 326 25.86 -3.99 11.28
N ALA A 327 25.69 -2.87 11.93
CA ALA A 327 24.74 -2.75 13.05
C ALA A 327 23.32 -2.89 12.51
N PRO A 328 22.94 -2.30 11.36
CA PRO A 328 21.59 -2.50 10.84
C PRO A 328 21.29 -3.97 10.53
N ALA A 329 22.25 -4.70 9.97
CA ALA A 329 22.05 -6.13 9.68
C ALA A 329 21.95 -6.92 11.00
N ALA A 330 22.78 -6.59 11.99
CA ALA A 330 22.71 -7.23 13.32
C ALA A 330 21.31 -6.98 13.87
N LEU A 331 20.76 -5.81 13.61
CA LEU A 331 19.42 -5.46 14.16
C LEU A 331 18.38 -6.35 13.50
N ARG A 332 18.45 -6.51 12.19
CA ARG A 332 17.54 -7.44 11.51
C ARG A 332 17.60 -8.81 12.17
N ALA A 333 18.81 -9.31 12.40
CA ALA A 333 18.98 -10.63 13.01
C ALA A 333 18.31 -10.64 14.39
N SER A 334 18.52 -9.58 15.15
CA SER A 334 18.06 -9.50 16.55
C SER A 334 16.52 -9.44 16.61
N LEU A 335 15.89 -9.05 15.53
CA LEU A 335 14.41 -8.95 15.43
C LEU A 335 13.84 -10.23 14.83
N GLY A 336 14.69 -11.24 14.70
CA GLY A 336 14.23 -12.60 14.40
C GLY A 336 14.44 -13.00 12.96
N HIS A 337 15.19 -12.24 12.18
CA HIS A 337 15.37 -12.58 10.74
C HIS A 337 16.84 -12.52 10.37
N PRO A 338 17.69 -13.41 10.91
CA PRO A 338 19.12 -13.37 10.56
C PRO A 338 19.39 -13.50 9.07
N GLU A 339 18.58 -14.26 8.37
CA GLU A 339 18.78 -14.43 6.90
C GLU A 339 18.50 -13.10 6.22
N PRO A 340 19.28 -12.70 5.20
CA PRO A 340 18.94 -11.54 4.42
C PRO A 340 17.64 -11.73 3.65
N PHE A 341 16.91 -10.65 3.45
CA PHE A 341 15.82 -10.60 2.46
C PHE A 341 16.42 -10.31 1.08
N THR A 342 15.62 -10.52 0.06
CA THR A 342 15.89 -10.25 -1.37
C THR A 342 15.80 -8.72 -1.52
N LEU A 343 16.69 -8.12 -2.28
CA LEU A 343 16.57 -6.72 -2.72
C LEU A 343 17.44 -6.52 -3.95
N ARG A 344 16.80 -6.32 -5.07
CA ARG A 344 17.46 -6.18 -6.37
C ARG A 344 17.38 -4.78 -6.95
N PHE A 345 16.47 -3.96 -6.45
CA PHE A 345 16.15 -2.67 -7.05
C PHE A 345 16.00 -1.64 -5.95
N VAL A 346 16.67 -0.51 -6.09
CA VAL A 346 16.56 0.62 -5.17
C VAL A 346 16.30 1.86 -5.98
N GLU A 347 15.29 2.62 -5.55
CA GLU A 347 14.91 3.84 -6.23
C GLU A 347 15.47 5.02 -5.47
N VAL A 348 16.15 5.92 -6.16
CA VAL A 348 16.84 7.03 -5.52
C VAL A 348 15.95 8.27 -5.54
N GLY A 349 15.23 8.46 -4.44
CA GLY A 349 14.27 9.56 -4.29
C GLY A 349 12.93 9.21 -4.84
N ASN A 350 12.13 10.23 -4.99
CA ASN A 350 10.83 10.14 -5.66
C ASN A 350 10.61 11.41 -6.48
N GLU A 351 10.24 11.25 -7.73
CA GLU A 351 9.83 12.40 -8.58
C GLU A 351 10.85 13.51 -8.41
N ASP A 352 12.11 13.20 -8.68
CA ASP A 352 13.16 14.24 -8.59
C ASP A 352 13.15 15.11 -9.84
N PHE A 353 12.27 14.90 -10.81
CA PHE A 353 12.08 15.91 -11.87
C PHE A 353 11.71 17.25 -11.22
N PHE A 354 11.03 17.24 -10.07
CA PHE A 354 10.66 18.50 -9.39
C PHE A 354 11.88 19.19 -8.78
N ALA A 355 13.01 18.48 -8.72
CA ALA A 355 14.27 18.96 -8.13
C ALA A 355 15.42 18.59 -9.06
N ALA A 356 15.19 18.79 -10.34
CA ALA A 356 16.13 18.30 -11.37
C ALA A 356 17.41 19.14 -11.39
N GLY A 357 17.41 20.34 -10.80
CA GLY A 357 18.61 21.15 -10.65
C GLY A 357 19.64 20.46 -9.79
N SER A 358 19.20 19.88 -8.69
CA SER A 358 20.11 19.27 -7.69
C SER A 358 20.21 17.75 -7.85
N TYR A 359 19.28 17.12 -8.54
CA TYR A 359 19.34 15.68 -8.66
C TYR A 359 20.64 15.21 -9.28
N PRO A 360 21.28 15.91 -10.25
CA PRO A 360 22.52 15.33 -10.78
C PRO A 360 23.55 15.05 -9.68
N TYR A 361 23.75 15.96 -8.75
CA TYR A 361 24.75 15.69 -7.69
C TYR A 361 24.20 14.73 -6.66
N ARG A 362 22.89 14.79 -6.40
CA ARG A 362 22.33 13.85 -5.38
C ARG A 362 22.41 12.42 -5.93
N TRP A 363 21.95 12.26 -7.15
CA TRP A 363 22.06 10.96 -7.85
C TRP A 363 23.51 10.50 -7.86
N HIS A 364 24.41 11.37 -8.30
CA HIS A 364 25.81 10.94 -8.42
C HIS A 364 26.31 10.45 -7.06
N ASP A 365 26.12 11.27 -6.03
CA ASP A 365 26.74 10.95 -4.73
C ASP A 365 26.05 9.72 -4.11
N PHE A 366 24.74 9.64 -4.20
CA PHE A 366 24.04 8.45 -3.63
C PHE A 366 24.41 7.20 -4.42
N VAL A 367 24.28 7.23 -5.74
CA VAL A 367 24.46 5.97 -6.52
C VAL A 367 25.91 5.53 -6.48
N THR A 368 26.86 6.45 -6.54
CA THR A 368 28.25 5.95 -6.51
C THR A 368 28.49 5.29 -5.15
N ALA A 369 27.97 5.88 -4.06
CA ALA A 369 28.18 5.27 -2.73
C ALA A 369 27.44 3.94 -2.65
N LEU A 370 26.17 3.94 -3.06
CA LEU A 370 25.37 2.74 -2.86
C LEU A 370 25.81 1.61 -3.78
N GLN A 371 26.21 1.92 -4.99
CA GLN A 371 26.66 0.87 -5.93
CA GLN A 371 26.63 0.84 -5.91
C GLN A 371 27.97 0.28 -5.42
N ALA A 372 28.78 1.08 -4.76
CA ALA A 372 30.06 0.61 -4.22
C ALA A 372 29.82 -0.43 -3.10
N GLN A 373 28.81 -0.17 -2.27
CA GLN A 373 28.50 -1.09 -1.17
C GLN A 373 27.71 -2.31 -1.70
N PHE A 374 26.86 -2.06 -2.68
CA PHE A 374 25.85 -3.06 -3.12
C PHE A 374 25.96 -3.24 -4.62
N PRO A 375 26.97 -3.99 -5.08
CA PRO A 375 27.21 -4.05 -6.53
C PRO A 375 26.16 -4.82 -7.34
N GLN A 376 25.28 -5.56 -6.66
CA GLN A 376 24.25 -6.34 -7.37
C GLN A 376 22.93 -5.58 -7.45
N ILE A 377 22.79 -4.43 -6.81
CA ILE A 377 21.49 -3.71 -6.84
C ILE A 377 21.47 -2.88 -8.11
N ARG A 378 20.30 -2.74 -8.71
CA ARG A 378 20.06 -1.85 -9.86
C ARG A 378 19.39 -0.60 -9.30
N PHE A 379 19.98 0.54 -9.53
CA PHE A 379 19.50 1.83 -9.03
C PHE A 379 18.65 2.51 -10.10
N ILE A 380 17.53 3.05 -9.63
CA ILE A 380 16.49 3.64 -10.51
C ILE A 380 16.48 5.14 -10.26
N ALA A 381 16.66 5.88 -11.32
CA ALA A 381 16.58 7.34 -11.33
C ALA A 381 15.13 7.79 -11.48
N THR A 382 14.85 8.96 -10.92
CA THR A 382 13.50 9.48 -10.86
C THR A 382 13.22 10.76 -11.61
N THR A 383 14.24 11.37 -12.18
CA THR A 383 14.09 12.51 -13.11
C THR A 383 13.45 12.01 -14.40
N ASN A 384 13.02 12.93 -15.24
CA ASN A 384 12.60 12.60 -16.61
C ASN A 384 13.76 11.91 -17.33
N ALA A 385 13.45 10.89 -18.11
CA ALA A 385 14.50 10.08 -18.73
C ALA A 385 15.41 11.01 -19.55
N TRP A 386 16.70 10.99 -19.25
CA TRP A 386 17.79 11.61 -20.07
C TRP A 386 17.82 13.13 -19.99
N ASN A 387 16.96 13.75 -19.20
CA ASN A 387 16.97 15.23 -19.06
C ASN A 387 16.59 15.55 -17.63
N PRO A 388 17.55 15.87 -16.73
CA PRO A 388 18.96 16.12 -17.08
C PRO A 388 19.78 14.85 -17.30
N VAL A 389 20.96 15.07 -17.87
CA VAL A 389 21.89 13.94 -18.07
C VAL A 389 22.54 13.61 -16.73
N LEU A 390 22.38 12.38 -16.33
CA LEU A 390 22.93 11.94 -15.06
C LEU A 390 24.23 11.16 -15.25
N SER A 391 25.02 11.19 -14.20
CA SER A 391 26.28 10.44 -14.03
C SER A 391 26.26 9.87 -12.64
N PRO A 392 26.45 8.55 -12.45
CA PRO A 392 26.57 7.60 -13.55
C PRO A 392 25.29 7.45 -14.37
N VAL A 393 25.45 6.96 -15.57
CA VAL A 393 24.36 6.72 -16.53
C VAL A 393 23.37 5.79 -15.84
N PRO A 394 22.10 6.18 -15.67
CA PRO A 394 21.18 5.28 -14.98
C PRO A 394 20.92 3.99 -15.77
N GLN A 395 20.92 2.86 -15.05
CA GLN A 395 20.47 1.57 -15.65
C GLN A 395 18.96 1.54 -15.80
N SER A 396 18.23 2.32 -15.00
CA SER A 396 16.76 2.34 -15.01
C SER A 396 16.25 3.73 -14.68
N TYR A 397 15.07 4.01 -15.21
CA TYR A 397 14.28 5.20 -14.88
C TYR A 397 12.89 4.75 -14.46
N ASP A 398 12.35 5.51 -13.51
CA ASP A 398 10.96 5.35 -13.06
C ASP A 398 10.15 6.44 -13.76
N VAL A 399 9.20 6.03 -14.56
CA VAL A 399 8.33 6.91 -15.37
C VAL A 399 6.95 6.89 -14.75
N HIS A 400 6.42 8.08 -14.47
CA HIS A 400 5.06 8.22 -13.92
C HIS A 400 4.19 8.98 -14.91
N VAL A 401 2.92 8.55 -15.03
CA VAL A 401 1.96 9.30 -15.83
C VAL A 401 0.55 9.13 -15.28
N TYR A 402 -0.06 10.27 -15.08
CA TYR A 402 -1.49 10.41 -14.73
C TYR A 402 -2.15 11.15 -15.87
N GLN A 403 -3.12 10.53 -16.51
CA GLN A 403 -3.65 11.05 -17.78
C GLN A 403 -5.10 10.60 -17.95
N THR A 404 -5.65 10.88 -19.08
CA THR A 404 -7.06 10.53 -19.40
C THR A 404 -7.06 9.09 -19.90
N PRO A 405 -8.21 8.42 -19.83
CA PRO A 405 -8.32 7.07 -20.39
C PRO A 405 -7.89 7.05 -21.86
N THR A 406 -8.29 8.07 -22.59
CA THR A 406 -7.99 8.19 -24.02
C THR A 406 -6.50 8.26 -24.22
N TRP A 407 -5.82 9.04 -23.39
CA TRP A 407 -4.36 9.22 -23.53
C TRP A 407 -3.73 7.84 -23.46
N PHE A 408 -4.22 6.98 -22.56
CA PHE A 408 -3.57 5.69 -22.32
C PHE A 408 -3.68 4.86 -23.61
N TYR A 409 -4.84 4.78 -24.26
CA TYR A 409 -4.89 3.94 -25.47
C TYR A 409 -4.14 4.63 -26.61
N GLN A 410 -4.13 5.94 -26.66
CA GLN A 410 -3.41 6.70 -27.72
C GLN A 410 -1.91 6.56 -27.53
N ASN A 411 -1.45 6.19 -26.36
CA ASN A 411 -0.02 6.16 -26.03
C ASN A 411 0.47 4.75 -25.75
N ALA A 412 -0.24 3.74 -26.26
CA ALA A 412 0.18 2.34 -26.07
C ALA A 412 1.52 2.06 -26.78
N PHE A 413 1.93 2.90 -27.72
CA PHE A 413 3.23 2.72 -28.38
C PHE A 413 4.30 3.61 -27.73
N TYR A 414 4.07 4.09 -26.51
CA TYR A 414 5.03 4.96 -25.80
C TYR A 414 6.46 4.40 -25.89
N TYR A 415 6.64 3.12 -25.64
CA TYR A 415 8.01 2.55 -25.53
C TYR A 415 8.53 2.00 -26.86
N ASP A 416 7.69 1.88 -27.88
CA ASP A 416 8.12 1.19 -29.12
C ASP A 416 9.34 1.86 -29.78
N GLY A 417 9.41 3.17 -29.71
CA GLY A 417 10.45 3.95 -30.39
C GLY A 417 11.66 4.16 -29.52
N PHE A 418 11.66 3.71 -28.27
CA PHE A 418 12.84 3.89 -27.39
C PHE A 418 13.98 3.03 -27.93
N GLN A 419 15.19 3.54 -27.81
CA GLN A 419 16.39 2.74 -28.08
C GLN A 419 16.52 1.65 -27.04
N ARG A 420 17.04 0.51 -27.51
CA ARG A 420 17.41 -0.65 -26.69
C ARG A 420 18.89 -0.51 -26.41
N ASN A 421 19.26 0.12 -25.31
CA ASN A 421 20.67 0.50 -25.07
C ASN A 421 21.07 0.15 -23.64
N GLY A 422 20.38 -0.82 -23.02
CA GLY A 422 20.77 -1.33 -21.70
C GLY A 422 19.98 -0.64 -20.57
N THR A 423 19.20 0.40 -20.86
CA THR A 423 18.34 1.06 -19.88
C THR A 423 17.01 0.32 -19.79
N THR A 424 16.55 0.06 -18.59
CA THR A 424 15.19 -0.46 -18.41
C THR A 424 14.32 0.60 -17.73
N TYR A 425 13.02 0.43 -17.91
CA TYR A 425 12.03 1.43 -17.50
C TYR A 425 11.02 0.77 -16.58
N PHE A 426 10.75 1.51 -15.53
CA PHE A 426 9.77 1.14 -14.49
C PHE A 426 8.63 2.13 -14.63
N GLU A 427 7.43 1.67 -14.97
CA GLU A 427 6.28 2.60 -14.99
C GLU A 427 5.74 2.58 -13.56
N GLY A 428 6.36 3.33 -12.66
CA GLY A 428 6.17 3.06 -11.23
C GLY A 428 4.90 3.69 -10.70
N GLU A 429 4.31 4.61 -11.43
CA GLU A 429 2.98 5.16 -11.14
C GLU A 429 2.28 5.45 -12.44
N TYR A 430 1.14 4.87 -12.66
CA TYR A 430 0.27 5.32 -13.75
C TYR A 430 -1.18 5.08 -13.36
N ALA A 431 -2.05 5.88 -13.94
CA ALA A 431 -3.51 5.72 -13.77
C ALA A 431 -4.17 6.69 -14.72
N ALA A 432 -5.33 6.29 -15.23
CA ALA A 432 -6.23 7.19 -15.92
C ALA A 432 -7.14 7.82 -14.86
N ILE A 433 -6.93 9.10 -14.60
CA ILE A 433 -7.47 9.72 -13.37
C ILE A 433 -8.64 10.66 -13.64
N SER A 434 -8.85 11.05 -14.87
CA SER A 434 -9.79 12.11 -15.20
C SER A 434 -10.19 11.98 -16.67
N THR A 435 -11.38 12.42 -17.01
CA THR A 435 -11.78 12.56 -18.42
C THR A 435 -11.51 13.97 -18.93
N ASN A 436 -10.97 14.84 -18.10
CA ASN A 436 -10.76 16.24 -18.46
C ASN A 436 -9.29 16.50 -18.70
N ALA A 437 -8.88 16.51 -19.95
CA ALA A 437 -7.46 16.73 -20.33
C ALA A 437 -6.98 18.10 -19.85
N ASN A 438 -7.90 19.07 -19.71
CA ASN A 438 -7.60 20.48 -19.34
C ASN A 438 -7.41 20.63 -17.83
N ASP A 439 -7.73 19.62 -17.02
CA ASP A 439 -7.68 19.78 -15.53
C ASP A 439 -7.61 18.39 -14.90
N LEU A 440 -6.51 17.68 -15.16
CA LEU A 440 -6.40 16.26 -14.80
C LEU A 440 -6.50 16.05 -13.29
N PHE A 441 -5.98 16.98 -12.52
CA PHE A 441 -5.87 16.87 -11.06
C PHE A 441 -6.97 17.68 -10.36
N GLY A 442 -8.08 17.88 -11.05
CA GLY A 442 -9.23 18.66 -10.59
C GLY A 442 -10.18 17.85 -9.74
N THR A 443 -11.36 18.41 -9.63
CA THR A 443 -12.44 17.81 -8.83
C THR A 443 -13.24 16.83 -9.68
N VAL A 444 -14.06 16.05 -9.00
CA VAL A 444 -14.99 15.12 -9.68
C VAL A 444 -15.95 15.90 -10.58
N ALA A 445 -16.48 17.03 -10.12
CA ALA A 445 -17.36 17.90 -10.95
C ALA A 445 -16.65 18.26 -12.26
N ASP A 446 -15.32 18.37 -12.21
CA ASP A 446 -14.52 18.75 -13.39
C ASP A 446 -13.85 17.53 -14.03
N GLY A 447 -14.40 16.31 -13.85
CA GLY A 447 -14.03 15.15 -14.67
C GLY A 447 -13.09 14.19 -13.95
N ARG A 448 -12.64 14.50 -12.74
CA ARG A 448 -11.77 13.60 -11.98
C ARG A 448 -12.59 12.35 -11.61
N LEU A 449 -11.98 11.18 -11.70
CA LEU A 449 -12.68 9.91 -11.41
C LEU A 449 -12.63 9.69 -9.92
N ALA A 450 -13.79 9.53 -9.32
CA ALA A 450 -13.87 9.15 -7.90
C ALA A 450 -13.39 7.73 -7.69
N PHE A 451 -13.66 6.88 -8.67
CA PHE A 451 -13.25 5.45 -8.69
C PHE A 451 -12.89 5.14 -10.12
N PRO A 452 -12.00 4.15 -10.31
CA PRO A 452 -11.75 3.70 -11.67
C PRO A 452 -13.07 3.33 -12.35
N THR A 453 -13.10 3.52 -13.65
CA THR A 453 -14.28 3.18 -14.47
C THR A 453 -13.90 2.09 -15.46
N VAL A 454 -14.86 1.57 -16.17
CA VAL A 454 -14.55 0.62 -17.24
C VAL A 454 -13.73 1.36 -18.31
N GLN A 455 -14.06 2.60 -18.57
CA GLN A 455 -13.30 3.42 -19.52
C GLN A 455 -11.85 3.54 -19.07
N SER A 456 -11.61 3.83 -17.79
CA SER A 456 -10.24 4.07 -17.32
C SER A 456 -9.45 2.77 -17.34
N ALA A 457 -10.04 1.69 -16.90
CA ALA A 457 -9.37 0.39 -16.81
C ALA A 457 -9.04 -0.10 -18.22
N THR A 458 -9.92 0.10 -19.18
CA THR A 458 -9.66 -0.43 -20.51
C THR A 458 -8.63 0.46 -21.24
N GLY A 459 -8.67 1.77 -21.03
CA GLY A 459 -7.56 2.62 -21.51
C GLY A 459 -6.22 2.16 -20.93
N GLU A 460 -6.15 1.97 -19.63
CA GLU A 460 -4.94 1.48 -18.97
C GLU A 460 -4.55 0.16 -19.57
N ALA A 461 -5.48 -0.77 -19.77
CA ALA A 461 -5.17 -2.10 -20.31
C ALA A 461 -4.55 -1.95 -21.71
N ALA A 462 -5.08 -1.06 -22.53
CA ALA A 462 -4.46 -0.80 -23.85
C ALA A 462 -2.99 -0.40 -23.62
N PHE A 463 -2.73 0.55 -22.75
CA PHE A 463 -1.36 0.99 -22.48
C PHE A 463 -0.53 -0.18 -22.02
N MET A 464 -1.09 -1.03 -21.17
CA MET A 464 -0.38 -2.18 -20.61
C MET A 464 0.03 -3.16 -21.71
N THR A 465 -0.77 -3.33 -22.75
CA THR A 465 -0.36 -4.22 -23.84
C THR A 465 0.97 -3.68 -24.42
N GLY A 466 1.14 -2.35 -24.48
CA GLY A 466 2.40 -1.76 -24.95
C GLY A 466 3.49 -2.00 -23.95
N LEU A 467 3.22 -1.92 -22.64
CA LEU A 467 4.25 -2.26 -21.65
C LEU A 467 4.69 -3.71 -21.88
N GLU A 468 3.76 -4.61 -22.16
CA GLU A 468 4.15 -6.03 -22.26
C GLU A 468 4.92 -6.25 -23.58
N ARG A 469 4.46 -5.64 -24.65
CA ARG A 469 5.16 -5.74 -25.95
C ARG A 469 6.59 -5.22 -25.79
N ASN A 470 6.76 -4.12 -25.08
CA ASN A 470 8.07 -3.46 -24.86
C ASN A 470 8.76 -3.97 -23.60
N SER A 471 8.42 -5.15 -23.10
CA SER A 471 8.96 -5.66 -21.82
C SER A 471 10.39 -6.18 -21.97
N ASP A 472 10.99 -6.03 -23.16
CA ASP A 472 12.45 -6.13 -23.30
C ASP A 472 13.11 -4.96 -22.59
N ILE A 473 12.48 -3.79 -22.57
CA ILE A 473 13.03 -2.63 -21.82
C ILE A 473 12.14 -2.21 -20.65
N VAL A 474 10.85 -2.53 -20.67
CA VAL A 474 9.98 -2.22 -19.51
C VAL A 474 10.10 -3.41 -18.56
N PHE A 475 10.60 -3.21 -17.36
CA PHE A 475 10.80 -4.35 -16.44
C PHE A 475 9.70 -4.42 -15.38
N ALA A 476 8.96 -3.35 -15.17
CA ALA A 476 8.06 -3.28 -13.99
C ALA A 476 7.07 -2.17 -14.25
N ALA A 477 5.86 -2.35 -13.70
CA ALA A 477 4.79 -1.37 -13.92
C ALA A 477 3.78 -1.52 -12.80
N SER A 478 3.40 -0.39 -12.21
CA SER A 478 2.43 -0.41 -11.10
C SER A 478 1.49 0.78 -11.20
N TYR A 479 0.19 0.49 -11.05
CA TYR A 479 -0.83 1.54 -10.93
C TYR A 479 -0.59 2.31 -9.63
N ALA A 480 -1.03 3.55 -9.59
CA ALA A 480 -1.01 4.27 -8.32
C ALA A 480 -2.16 5.26 -8.24
N PRO A 481 -2.66 5.56 -7.01
CA PRO A 481 -2.36 4.82 -5.79
C PRO A 481 -3.06 3.48 -5.71
N LEU A 482 -2.52 2.66 -4.84
CA LEU A 482 -3.02 1.28 -4.69
C LEU A 482 -4.30 1.25 -3.85
N LEU A 483 -4.31 1.97 -2.75
CA LEU A 483 -5.33 1.75 -1.69
C LEU A 483 -6.00 3.06 -1.30
N GLN A 484 -7.26 2.92 -0.91
CA GLN A 484 -8.06 4.09 -0.48
C GLN A 484 -9.02 3.71 0.63
N HIS A 485 -8.87 4.38 1.77
CA HIS A 485 -9.93 4.38 2.79
C HIS A 485 -10.98 5.37 2.33
N VAL A 486 -12.18 4.91 2.06
CA VAL A 486 -13.25 5.80 1.53
C VAL A 486 -13.63 6.90 2.51
N ASN A 487 -13.31 6.72 3.79
CA ASN A 487 -13.61 7.77 4.77
C ASN A 487 -12.49 8.79 4.92
N SER A 488 -11.35 8.61 4.28
CA SER A 488 -10.24 9.57 4.39
C SER A 488 -9.39 9.49 3.12
N THR A 489 -9.80 10.24 2.14
CA THR A 489 -9.29 10.19 0.76
C THR A 489 -8.59 11.53 0.43
N GLN A 490 -7.33 11.44 0.00
CA GLN A 490 -6.56 12.60 -0.53
C GLN A 490 -6.35 12.51 -2.04
N TRP A 491 -6.59 11.36 -2.63
CA TRP A 491 -6.34 11.13 -4.07
C TRP A 491 -7.31 10.08 -4.58
N THR A 492 -7.92 10.35 -5.72
CA THR A 492 -8.69 9.37 -6.50
C THR A 492 -8.21 9.44 -7.92
N PRO A 493 -8.47 8.43 -8.74
CA PRO A 493 -8.99 7.13 -8.35
C PRO A 493 -7.89 6.24 -7.78
N ASP A 494 -8.28 5.19 -7.10
CA ASP A 494 -7.39 4.24 -6.41
C ASP A 494 -7.74 2.80 -6.79
N LEU A 495 -6.76 1.93 -6.71
CA LEU A 495 -6.93 0.60 -7.27
C LEU A 495 -7.93 -0.22 -6.42
N VAL A 496 -7.82 -0.12 -5.11
CA VAL A 496 -8.60 -0.90 -4.18
C VAL A 496 -9.06 0.07 -3.11
N SER A 497 -10.35 0.03 -2.81
CA SER A 497 -10.92 0.92 -1.79
C SER A 497 -11.50 0.06 -0.66
N TYR A 498 -11.73 0.70 0.48
CA TYR A 498 -12.28 -0.05 1.63
C TYR A 498 -12.79 0.95 2.62
N ASP A 499 -13.66 0.41 3.48
CA ASP A 499 -13.97 1.06 4.77
C ASP A 499 -13.46 0.17 5.88
N ALA A 500 -13.96 0.37 7.08
CA ALA A 500 -13.49 -0.41 8.24
C ALA A 500 -13.87 -1.88 8.07
N GLY A 501 -14.86 -2.19 7.23
CA GLY A 501 -15.33 -3.58 7.21
C GLY A 501 -15.24 -4.34 5.92
N SER A 502 -15.04 -3.67 4.79
CA SER A 502 -15.04 -4.41 3.54
C SER A 502 -14.19 -3.69 2.48
N VAL A 503 -13.97 -4.43 1.42
CA VAL A 503 -13.08 -4.03 0.32
C VAL A 503 -13.89 -3.91 -0.96
N ILE A 504 -13.46 -2.97 -1.77
CA ILE A 504 -14.02 -2.74 -3.12
C ILE A 504 -12.86 -2.94 -4.10
N LYS A 505 -13.03 -3.91 -4.98
CA LYS A 505 -12.03 -4.14 -6.03
C LYS A 505 -12.47 -3.39 -7.28
N SER A 506 -11.62 -2.46 -7.74
CA SER A 506 -11.98 -1.57 -8.85
C SER A 506 -11.94 -2.26 -10.21
N THR A 507 -12.55 -1.62 -11.19
CA THR A 507 -12.34 -2.06 -12.58
C THR A 507 -10.84 -2.17 -12.90
N SER A 508 -10.08 -1.17 -12.51
CA SER A 508 -8.63 -1.14 -12.75
C SER A 508 -7.99 -2.31 -12.04
N PHE A 509 -8.43 -2.66 -10.84
CA PHE A 509 -7.87 -3.81 -10.13
C PHE A 509 -8.01 -5.03 -11.00
N PHE A 510 -9.19 -5.23 -11.56
CA PHE A 510 -9.39 -6.41 -12.40
C PHE A 510 -8.51 -6.37 -13.65
N ALA A 511 -8.32 -5.22 -14.24
CA ALA A 511 -7.41 -5.16 -15.40
C ALA A 511 -5.98 -5.55 -14.96
N GLN A 512 -5.54 -5.01 -13.84
CA GLN A 512 -4.22 -5.37 -13.26
C GLN A 512 -4.12 -6.88 -13.03
N LYS A 513 -5.13 -7.45 -12.41
CA LYS A 513 -5.15 -8.87 -12.08
C LYS A 513 -5.15 -9.72 -13.35
N LEU A 514 -5.95 -9.34 -14.32
CA LEU A 514 -6.02 -10.14 -15.58
C LEU A 514 -4.67 -10.09 -16.29
N PHE A 515 -3.98 -8.98 -16.23
CA PHE A 515 -2.67 -8.87 -16.91
C PHE A 515 -1.65 -9.69 -16.12
N ALA A 516 -1.60 -9.54 -14.80
CA ALA A 516 -0.54 -10.16 -14.00
C ALA A 516 -0.70 -11.67 -13.90
N LEU A 517 -1.94 -12.16 -13.79
CA LEU A 517 -2.14 -13.61 -13.53
C LEU A 517 -2.01 -14.42 -14.82
N ASN A 518 -2.05 -13.77 -15.96
CA ASN A 518 -2.12 -14.45 -17.26
C ASN A 518 -0.95 -13.95 -18.10
N LYS A 519 0.24 -14.34 -17.68
CA LYS A 519 1.49 -13.75 -18.23
C LYS A 519 2.53 -14.86 -18.34
N GLY A 520 2.95 -15.14 -19.57
CA GLY A 520 4.00 -16.15 -19.79
C GLY A 520 5.38 -15.53 -19.64
N ASP A 521 6.39 -16.38 -19.77
CA ASP A 521 7.82 -15.94 -19.73
C ASP A 521 8.31 -15.60 -21.15
N GLN A 522 7.59 -15.95 -22.19
CA GLN A 522 7.96 -15.65 -23.59
C GLN A 522 7.01 -14.61 -24.17
N TYR A 523 7.49 -13.56 -24.81
CA TYR A 523 6.67 -12.63 -25.59
C TYR A 523 6.57 -13.13 -27.01
N LEU A 524 5.37 -13.35 -27.50
CA LEU A 524 5.12 -13.79 -28.88
C LEU A 524 4.71 -12.60 -29.73
N PRO A 525 5.55 -12.19 -30.69
CA PRO A 525 5.20 -11.08 -31.54
C PRO A 525 3.94 -11.42 -32.31
N SER A 526 3.16 -10.41 -32.58
CA SER A 526 1.92 -10.55 -33.35
C SER A 526 1.78 -9.34 -34.23
N THR A 527 0.83 -9.40 -35.14
CA THR A 527 0.38 -8.23 -35.91
C THR A 527 0.27 -7.06 -34.94
N LEU A 528 0.83 -5.92 -35.28
CA LEU A 528 0.79 -4.77 -34.38
C LEU A 528 -0.60 -4.18 -34.43
N PRO A 529 -1.10 -3.74 -33.25
CA PRO A 529 -2.25 -2.88 -33.22
C PRO A 529 -2.01 -1.58 -33.97
N THR A 530 -3.09 -0.93 -34.31
CA THR A 530 -3.06 0.43 -34.89
C THR A 530 -2.61 1.42 -33.82
N ASN A 531 -1.50 2.07 -34.07
CA ASN A 531 -0.94 3.11 -33.19
C ASN A 531 -1.93 4.28 -33.19
N GLY A 532 -2.54 4.55 -32.04
CA GLY A 532 -3.54 5.62 -31.91
C GLY A 532 -4.94 5.05 -31.82
N GLY A 533 -5.09 3.77 -32.14
CA GLY A 533 -6.38 3.09 -32.17
C GLY A 533 -6.83 2.67 -30.80
N THR A 534 -8.06 2.18 -30.73
CA THR A 534 -8.69 1.80 -29.44
C THR A 534 -8.49 0.32 -29.12
N LEU A 535 -8.07 -0.48 -30.08
CA LEU A 535 -7.96 -1.93 -29.92
C LEU A 535 -6.50 -2.35 -29.86
N HIS A 536 -6.13 -3.03 -28.80
CA HIS A 536 -4.73 -3.44 -28.51
C HIS A 536 -4.69 -4.87 -27.98
N TRP A 537 -3.55 -5.51 -28.13
CA TRP A 537 -3.40 -6.87 -27.64
C TRP A 537 -1.95 -7.14 -27.40
N SER A 538 -1.71 -8.15 -26.62
CA SER A 538 -0.34 -8.61 -26.29
C SER A 538 -0.44 -10.10 -26.00
N ILE A 539 0.50 -10.88 -26.53
CA ILE A 539 0.50 -12.34 -26.40
C ILE A 539 1.79 -12.79 -25.75
N THR A 540 1.67 -13.61 -24.72
CA THR A 540 2.81 -14.25 -24.04
C THR A 540 2.54 -15.74 -23.89
N ARG A 541 3.58 -16.49 -23.62
CA ARG A 541 3.45 -17.95 -23.51
C ARG A 541 4.36 -18.43 -22.41
N ALA A 542 3.87 -19.40 -21.66
CA ALA A 542 4.61 -20.09 -20.60
C ALA A 542 5.42 -21.22 -21.22
N SER A 543 6.74 -21.09 -21.22
CA SER A 543 7.66 -22.02 -21.93
C SER A 543 7.44 -23.45 -21.44
N SER A 544 7.21 -23.63 -20.13
CA SER A 544 7.13 -24.97 -19.49
C SER A 544 5.83 -25.69 -19.89
N SER A 545 4.74 -24.96 -20.07
CA SER A 545 3.38 -25.56 -20.16
C SER A 545 2.79 -25.37 -21.55
N GLY A 546 3.21 -24.36 -22.30
CA GLY A 546 2.60 -23.91 -23.55
C GLY A 546 1.34 -23.08 -23.35
N LYS A 547 0.98 -22.79 -22.09
CA LYS A 547 -0.18 -21.89 -21.83
C LYS A 547 0.16 -20.56 -22.49
N THR A 548 -0.75 -20.08 -23.31
CA THR A 548 -0.58 -18.91 -24.19
C THR A 548 -1.68 -17.93 -23.87
N PHE A 549 -1.29 -16.72 -23.52
CA PHE A 549 -2.22 -15.73 -22.94
C PHE A 549 -2.38 -14.59 -23.92
N ILE A 550 -3.53 -14.48 -24.54
CA ILE A 550 -3.86 -13.42 -25.49
C ILE A 550 -4.68 -12.37 -24.75
N LYS A 551 -4.08 -11.25 -24.50
CA LYS A 551 -4.71 -10.18 -23.72
C LYS A 551 -5.18 -9.11 -24.69
N ILE A 552 -6.43 -8.74 -24.61
CA ILE A 552 -7.06 -7.82 -25.59
C ILE A 552 -7.74 -6.69 -24.83
N ALA A 553 -7.43 -5.46 -25.19
CA ALA A 553 -8.03 -4.26 -24.64
C ALA A 553 -8.79 -3.59 -25.76
N ASN A 554 -10.09 -3.43 -25.57
CA ASN A 554 -10.88 -2.58 -26.45
C ASN A 554 -11.26 -1.37 -25.63
N ALA A 555 -10.54 -0.27 -25.81
CA ALA A 555 -10.65 0.93 -24.95
C ALA A 555 -11.65 1.91 -25.55
N GLY A 556 -12.36 1.48 -26.59
CA GLY A 556 -13.26 2.40 -27.30
C GLY A 556 -14.72 1.94 -27.26
N SER A 557 -15.58 2.69 -27.95
CA SER A 557 -17.04 2.56 -27.78
C SER A 557 -17.62 1.61 -28.82
N SER A 558 -16.77 1.11 -29.73
CA SER A 558 -17.19 0.19 -30.80
C SER A 558 -16.68 -1.22 -30.43
N ALA A 559 -17.52 -2.23 -30.59
CA ALA A 559 -17.07 -3.64 -30.61
C ALA A 559 -16.12 -3.83 -31.79
N GLN A 560 -15.14 -4.70 -31.63
CA GLN A 560 -14.15 -4.97 -32.70
C GLN A 560 -13.87 -6.46 -32.79
N SER A 561 -13.98 -6.99 -34.00
CA SER A 561 -13.69 -8.40 -34.28
C SER A 561 -12.18 -8.63 -34.39
N LEU A 562 -11.67 -9.71 -33.84
CA LEU A 562 -10.28 -10.17 -34.07
C LEU A 562 -10.33 -11.62 -34.48
N THR A 563 -9.69 -11.93 -35.58
CA THR A 563 -9.43 -13.34 -35.99
C THR A 563 -7.97 -13.64 -35.68
N PHE A 564 -7.72 -14.63 -34.85
CA PHE A 564 -6.35 -15.04 -34.48
C PHE A 564 -5.93 -16.22 -35.36
N GLN A 565 -4.72 -16.12 -35.91
CA GLN A 565 -4.11 -17.10 -36.84
C GLN A 565 -2.88 -17.65 -36.13
N LEU A 566 -2.94 -18.88 -35.67
CA LEU A 566 -1.87 -19.59 -34.90
C LEU A 566 -1.29 -20.73 -35.77
N THR A 567 -1.36 -20.58 -37.07
CA THR A 567 -0.95 -21.67 -38.03
C THR A 567 0.55 -21.99 -37.87
N GLN A 568 1.36 -21.08 -37.35
CA GLN A 568 2.81 -21.36 -37.23
C GLN A 568 3.05 -22.46 -36.20
N PHE A 569 2.09 -22.66 -35.29
CA PHE A 569 2.24 -23.65 -34.22
C PHE A 569 2.00 -25.04 -34.81
N ASN A 570 2.54 -26.06 -34.14
CA ASN A 570 2.30 -27.49 -34.48
C ASN A 570 0.89 -27.82 -33.99
N SER A 571 0.54 -27.35 -32.79
CA SER A 571 -0.77 -27.68 -32.19
C SER A 571 -1.27 -26.52 -31.34
N VAL A 572 -2.59 -26.39 -31.35
CA VAL A 572 -3.34 -25.41 -30.53
C VAL A 572 -4.48 -26.20 -29.89
N SER A 573 -4.69 -26.03 -28.60
CA SER A 573 -5.81 -26.68 -27.89
C SER A 573 -7.12 -26.36 -28.61
N SER A 574 -8.02 -27.31 -28.57
CA SER A 574 -9.35 -27.22 -29.23
C SER A 574 -10.29 -26.31 -28.46
N THR A 575 -9.98 -26.01 -27.21
CA THR A 575 -10.73 -25.00 -26.44
C THR A 575 -9.75 -24.10 -25.72
N GLY A 576 -10.28 -22.94 -25.31
CA GLY A 576 -9.56 -22.02 -24.45
C GLY A 576 -10.49 -21.47 -23.41
N THR A 577 -9.90 -20.76 -22.47
CA THR A 577 -10.67 -19.97 -21.51
C THR A 577 -10.73 -18.54 -22.00
N LEU A 578 -11.87 -17.91 -21.72
CA LEU A 578 -12.07 -16.47 -21.95
C LEU A 578 -12.39 -15.85 -20.61
N GLN A 579 -11.67 -14.83 -20.24
CA GLN A 579 -11.96 -14.02 -19.06
C GLN A 579 -12.22 -12.62 -19.58
N VAL A 580 -13.40 -12.06 -19.30
CA VAL A 580 -13.71 -10.72 -19.83
C VAL A 580 -14.20 -9.81 -18.74
N LEU A 581 -13.68 -8.58 -18.75
CA LEU A 581 -14.09 -7.45 -17.91
C LEU A 581 -14.69 -6.42 -18.82
N THR A 582 -15.97 -6.12 -18.64
CA THR A 582 -16.61 -5.16 -19.50
C THR A 582 -17.86 -4.64 -18.79
N GLY A 583 -18.33 -3.55 -19.28
CA GLY A 583 -19.58 -2.96 -18.79
C GLY A 583 -19.70 -1.57 -19.38
N PRO A 584 -20.68 -0.78 -18.92
CA PRO A 584 -20.86 0.55 -19.48
C PRO A 584 -19.58 1.38 -19.25
N GLU A 585 -19.33 2.29 -20.17
CA GLU A 585 -18.16 3.16 -20.17
C GLU A 585 -17.83 3.73 -18.78
N THR A 586 -18.82 4.35 -18.12
CA THR A 586 -18.58 5.11 -16.86
C THR A 586 -18.90 4.29 -15.64
N ALA A 587 -19.15 3.00 -15.77
CA ALA A 587 -19.45 2.13 -14.63
C ALA A 587 -18.23 1.96 -13.76
N SER A 588 -18.44 1.93 -12.47
CA SER A 588 -17.42 1.80 -11.41
C SER A 588 -17.95 0.79 -10.39
N ASN A 589 -17.05 0.19 -9.67
CA ASN A 589 -17.34 -0.50 -8.39
C ASN A 589 -17.23 0.54 -7.30
N THR A 590 -18.29 0.67 -6.50
CA THR A 590 -18.41 1.72 -5.48
C THR A 590 -18.81 1.06 -4.18
N PRO A 591 -18.72 1.77 -3.04
CA PRO A 591 -19.18 1.17 -1.79
C PRO A 591 -20.63 0.69 -1.85
N GLU A 592 -21.47 1.38 -2.62
CA GLU A 592 -22.91 1.05 -2.74
C GLU A 592 -23.12 -0.07 -3.73
N ALA A 593 -22.23 -0.25 -4.73
CA ALA A 593 -22.34 -1.34 -5.72
C ALA A 593 -20.94 -1.88 -5.94
N PRO A 594 -20.41 -2.64 -4.97
CA PRO A 594 -19.02 -3.06 -5.02
C PRO A 594 -18.73 -4.19 -6.00
N GLN A 595 -19.77 -4.84 -6.53
CA GLN A 595 -19.53 -5.90 -7.55
CA GLN A 595 -19.73 -5.99 -7.46
C GLN A 595 -20.32 -5.57 -8.82
N ALA A 596 -20.45 -4.28 -9.11
CA ALA A 596 -21.12 -3.83 -10.36
C ALA A 596 -20.42 -4.47 -11.58
N ILE A 597 -19.09 -4.42 -11.58
CA ILE A 597 -18.29 -4.84 -12.77
C ILE A 597 -17.29 -5.86 -12.30
N VAL A 598 -17.49 -7.11 -12.69
CA VAL A 598 -16.56 -8.18 -12.28
C VAL A 598 -16.30 -9.01 -13.52
N PRO A 599 -15.15 -9.67 -13.59
CA PRO A 599 -14.83 -10.48 -14.75
C PRO A 599 -15.70 -11.72 -14.80
N LYS A 600 -15.89 -12.19 -16.01
CA LYS A 600 -16.65 -13.44 -16.29
C LYS A 600 -15.74 -14.40 -17.06
N THR A 601 -15.73 -15.64 -16.63
CA THR A 601 -14.93 -16.72 -17.22
C THR A 601 -15.84 -17.67 -18.00
N SER A 602 -15.41 -18.08 -19.19
CA SER A 602 -16.15 -19.07 -20.00
C SER A 602 -15.16 -19.85 -20.84
N THR A 603 -15.67 -20.81 -21.54
CA THR A 603 -14.84 -21.69 -22.39
C THR A 603 -15.26 -21.38 -23.81
N ILE A 604 -14.27 -21.20 -24.68
CA ILE A 604 -14.52 -20.91 -26.09
C ILE A 604 -13.75 -21.92 -26.95
N GLY A 605 -14.25 -22.09 -28.16
CA GLY A 605 -13.63 -22.95 -29.16
C GLY A 605 -12.44 -22.25 -29.73
N THR A 606 -11.33 -22.99 -29.83
N THR A 606 -11.33 -22.98 -29.84
CA THR A 606 -10.04 -22.46 -30.31
CA THR A 606 -10.05 -22.44 -30.33
C THR A 606 -9.38 -23.50 -31.20
C THR A 606 -9.41 -23.46 -31.26
N GLY A 607 -8.23 -23.12 -31.70
CA GLY A 607 -7.52 -23.92 -32.68
C GLY A 607 -6.64 -22.98 -33.45
N LYS A 608 -6.21 -23.39 -34.62
CA LYS A 608 -5.23 -22.58 -35.38
C LYS A 608 -5.89 -21.32 -35.90
N THR A 609 -7.22 -21.25 -35.93
CA THR A 609 -7.92 -20.02 -36.28
C THR A 609 -9.15 -19.94 -35.35
N PHE A 610 -9.41 -18.74 -34.84
CA PHE A 610 -10.68 -18.49 -34.11
C PHE A 610 -10.90 -16.99 -34.14
N THR A 611 -12.16 -16.62 -33.96
CA THR A 611 -12.62 -15.23 -34.02
C THR A 611 -13.28 -14.87 -32.70
N TYR A 612 -12.90 -13.72 -32.18
CA TYR A 612 -13.47 -13.14 -30.95
C TYR A 612 -13.90 -11.73 -31.25
N ASN A 613 -15.12 -11.40 -30.83
CA ASN A 613 -15.64 -10.03 -30.91
C ASN A 613 -15.37 -9.36 -29.57
N ALA A 614 -14.42 -8.45 -29.52
CA ALA A 614 -14.06 -7.74 -28.29
C ALA A 614 -15.09 -6.64 -28.09
N PRO A 615 -15.90 -6.71 -27.02
CA PRO A 615 -16.94 -5.69 -26.84
C PRO A 615 -16.30 -4.32 -26.63
N ALA A 616 -17.07 -3.29 -26.94
CA ALA A 616 -16.75 -1.93 -26.48
C ALA A 616 -16.32 -1.99 -25.00
N PHE A 617 -15.29 -1.23 -24.66
CA PHE A 617 -14.82 -1.07 -23.27
C PHE A 617 -14.69 -2.44 -22.62
N SER A 618 -13.75 -3.22 -23.11
CA SER A 618 -13.51 -4.55 -22.52
C SER A 618 -12.03 -4.85 -22.41
N VAL A 619 -11.71 -5.64 -21.39
CA VAL A 619 -10.41 -6.31 -21.24
C VAL A 619 -10.73 -7.79 -21.30
N SER A 620 -10.09 -8.51 -22.20
CA SER A 620 -10.32 -9.94 -22.40
C SER A 620 -8.99 -10.66 -22.31
N VAL A 621 -9.02 -11.85 -21.77
CA VAL A 621 -7.86 -12.76 -21.80
C VAL A 621 -8.37 -14.07 -22.34
N ILE A 622 -7.75 -14.50 -23.43
CA ILE A 622 -7.98 -15.83 -24.00
C ILE A 622 -6.76 -16.67 -23.70
N THR A 623 -6.96 -17.81 -23.07
CA THR A 623 -5.87 -18.73 -22.72
C THR A 623 -6.05 -20.01 -23.50
N VAL A 624 -5.05 -20.36 -24.28
CA VAL A 624 -5.02 -21.63 -25.05
C VAL A 624 -3.68 -22.27 -24.78
N THR A 625 -3.53 -23.51 -25.15
CA THR A 625 -2.26 -24.21 -25.09
C THR A 625 -1.71 -24.33 -26.51
N THR A 626 -0.43 -23.97 -26.69
CA THR A 626 0.23 -24.03 -28.01
C THR A 626 1.55 -24.77 -27.86
N ASN A 627 1.90 -25.53 -28.89
CA ASN A 627 3.18 -26.27 -28.97
C ASN A 627 3.61 -26.21 -30.44
C1 NAG B . 19.46 5.28 -24.75
C2 NAG B . 20.66 6.18 -24.34
C3 NAG B . 20.22 7.54 -24.00
C4 NAG B . 19.42 8.12 -25.09
C5 NAG B . 18.25 7.19 -25.46
C6 NAG B . 17.54 7.76 -26.69
C7 NAG B . 22.50 4.89 -23.25
C8 NAG B . 22.88 4.26 -21.97
N2 NAG B . 21.40 5.65 -23.20
O3 NAG B . 21.42 8.29 -23.80
O4 NAG B . 18.73 9.33 -24.76
O5 NAG B . 18.76 5.88 -25.81
O6 NAG B . 18.48 8.15 -27.73
O7 NAG B . 23.08 4.62 -24.25
H1 NAG B . 18.80 5.19 -23.88
H2 NAG B . 21.34 6.25 -25.19
H3 NAG B . 19.63 7.52 -23.08
H4 NAG B . 20.07 8.25 -25.97
H5 NAG B . 17.55 7.12 -24.62
H61 NAG B . 16.88 8.58 -26.41
H62 NAG B . 16.93 6.98 -27.13
H81 NAG B . 22.37 3.33 -21.88
H82 NAG B . 23.92 4.09 -21.95
H83 NAG B . 22.60 4.89 -21.16
HN2 NAG B . 20.98 5.82 -22.30
HO3 NAG B . 21.10 9.22 -23.58
HO6 NAG B . 18.07 8.56 -28.41
C1 NAG B . 19.45 10.52 -25.10
C2 NAG B . 18.38 11.59 -25.19
C3 NAG B . 18.99 12.95 -25.52
C4 NAG B . 20.09 13.25 -24.51
C5 NAG B . 21.09 12.07 -24.35
C6 NAG B . 22.08 12.27 -23.16
C7 NAG B . 16.13 11.08 -26.00
C8 NAG B . 15.31 10.80 -27.22
N2 NAG B . 17.45 11.27 -26.23
O3 NAG B . 17.83 13.87 -25.52
O4 NAG B . 20.84 14.49 -24.75
O5 NAG B . 20.42 10.86 -24.07
O6 NAG B . 22.79 11.07 -22.84
O7 NAG B . 15.60 11.07 -24.93
H1 NAG B . 19.94 10.43 -26.08
H2 NAG B . 17.87 11.65 -24.22
H3 NAG B . 19.43 12.91 -26.52
H4 NAG B . 19.60 13.36 -23.53
H5 NAG B . 21.67 11.97 -25.28
H61 NAG B . 21.52 12.60 -22.28
H62 NAG B . 22.80 13.05 -23.41
H81 NAG B . 15.82 10.11 -27.84
H82 NAG B . 14.37 10.39 -26.93
H83 NAG B . 15.15 11.70 -27.75
HN2 NAG B . 17.80 11.23 -27.17
HO3 NAG B . 18.05 14.80 -25.71
HO4 NAG B . 21.39 14.74 -23.93
HO6 NAG B . 23.42 11.25 -22.13
C1 NAG C . -17.55 6.14 5.22
C2 NAG C . -18.67 6.81 6.02
C3 NAG C . -20.00 6.14 5.67
C4 NAG C . -20.17 6.04 4.16
C5 NAG C . -19.01 5.31 3.51
C6 NAG C . -19.05 5.17 2.00
C7 NAG C . -18.19 7.71 8.25
C8 NAG C . -17.93 7.50 9.72
N2 NAG C . -18.42 6.65 7.46
O3 NAG C . -21.12 6.83 6.22
O4 NAG C . -21.35 5.21 3.90
O5 NAG C . -17.87 6.04 3.83
O6 NAG C . -19.02 6.43 1.29
O7 NAG C . -18.17 8.84 7.80
H1 NAG C . -17.45 5.12 5.61
H2 NAG C . -18.73 7.88 5.75
H3 NAG C . -19.97 5.11 6.08
H4 NAG C . -20.26 7.04 3.73
H5 NAG C . -18.95 4.29 3.95
H61 NAG C . -19.95 4.62 1.71
H62 NAG C . -18.20 4.58 1.67
H81 NAG C . -17.11 6.84 9.85
H82 NAG C . -17.70 8.43 10.17
H83 NAG C . -18.79 7.08 10.18
HN2 NAG C . -18.43 5.72 7.84
HO3 NAG C . -21.97 6.34 6.01
HO6 NAG C . -19.12 6.25 0.35
C1 NAG C . -22.18 5.90 2.95
C2 NAG C . -23.27 4.94 2.52
C3 NAG C . -24.26 5.68 1.61
C4 NAG C . -24.80 7.00 2.19
C5 NAG C . -23.60 7.89 2.54
C6 NAG C . -24.02 9.20 3.22
C7 NAG C . -22.54 2.64 2.30
C8 NAG C . -21.95 1.56 1.41
N2 NAG C . -22.70 3.84 1.77
O3 NAG C . -25.40 4.87 1.34
O4 NAG C . -25.74 7.58 1.25
O5 NAG C . -22.74 7.15 3.45
O6 NAG C . -24.43 8.83 4.54
O7 NAG C . -22.87 2.43 3.44
H1 NAG C . -21.59 6.13 2.05
H2 NAG C . -23.80 4.59 3.41
H3 NAG C . -23.75 5.93 0.67
H4 NAG C . -25.34 6.76 3.13
H5 NAG C . -23.05 8.13 1.62
H61 NAG C . -24.85 9.66 2.67
H62 NAG C . -23.19 9.90 3.26
H81 NAG C . -20.95 1.79 1.20
H82 NAG C . -22.02 0.63 1.91
H83 NAG C . -22.51 1.52 0.51
HN2 NAG C . -22.43 4.01 0.81
HO3 NAG C . -26.08 5.30 0.78
HO4 NAG C . -26.22 8.44 1.70
HO6 NAG C . -24.48 9.53 5.01
C1 NAG D . 17.39 7.38 12.74
C2 NAG D . 17.16 8.15 14.04
C3 NAG D . 17.51 9.60 13.79
C4 NAG D . 18.96 9.74 13.30
C5 NAG D . 19.20 8.78 12.11
C6 NAG D . 20.68 8.76 11.73
C7 NAG D . 15.41 7.36 15.52
C8 NAG D . 13.93 7.44 15.84
N2 NAG D . 15.76 8.10 14.45
O3 NAG D . 17.37 10.32 14.99
O4 NAG D . 19.18 11.07 12.84
O5 NAG D . 18.78 7.46 12.38
O6 NAG D . 21.38 8.61 13.07
O7 NAG D . 16.21 6.66 16.20
H1 NAG D . 16.78 7.85 11.96
H2 NAG D . 17.82 7.75 14.83
H3 NAG D . 16.84 10.01 13.02
H4 NAG D . 19.63 9.48 14.14
H5 NAG D . 18.64 9.17 11.26
H61 NAG D . 20.97 9.69 11.24
H62 NAG D . 20.89 7.90 11.09
H81 NAG D . 13.37 6.86 15.16
H82 NAG D . 13.76 7.08 16.82
H83 NAG D . 13.61 8.45 15.79
HN2 NAG D . 15.08 8.64 13.92
HO3 NAG D . 17.56 11.27 14.80
HO6 NAG D . 22.41 8.62 12.87
C1 NAG D . 20.18 11.78 13.50
C2 NAG D . 20.60 12.94 12.61
C3 NAG D . 21.61 13.81 13.33
C4 NAG D . 21.04 14.25 14.69
C5 NAG D . 20.63 13.02 15.50
C6 NAG D . 20.02 13.30 16.87
C7 NAG D . 20.43 12.35 10.24
C8 NAG D . 21.07 11.70 9.06
N2 NAG D . 21.12 12.37 11.36
O3 NAG D . 21.94 14.93 12.50
O4 NAG D . 22.02 14.91 15.49
O5 NAG D . 19.69 12.28 14.73
O6 NAG D . 19.00 14.12 16.43
O7 NAG D . 19.30 12.83 10.23
H1 NAG D . 21.07 11.15 13.69
H2 NAG D . 19.71 13.54 12.40
H3 NAG D . 22.51 13.21 13.51
H4 NAG D . 20.17 14.90 14.51
H5 NAG D . 21.53 12.41 15.67
H61 NAG D . 20.71 13.83 17.53
H62 NAG D . 19.63 12.41 17.34
H81 NAG D . 20.94 10.65 9.12
H82 NAG D . 20.62 12.06 8.17
H83 NAG D . 22.10 11.92 9.04
HN2 NAG D . 22.05 11.97 11.38
HO3 NAG D . 22.56 15.47 12.96
HO6 NAG D . 18.48 14.50 17.11
C1 BMA D . 21.86 16.34 15.66
C2 BMA D . 22.58 16.77 16.93
C3 BMA D . 22.37 18.25 17.24
C4 BMA D . 22.88 18.96 16.01
C5 BMA D . 22.38 18.40 14.65
C6 BMA D . 22.95 19.26 13.48
O2 BMA D . 23.93 16.43 16.71
O3 BMA D . 22.99 18.72 18.48
O4 BMA D . 22.37 20.29 16.15
O5 BMA D . 22.48 16.95 14.54
O6 BMA D . 23.90 18.63 12.58
H1 BMA D . 20.80 16.61 15.72
H2 BMA D . 22.18 16.18 17.77
H3 BMA D . 21.30 18.43 17.30
H4 BMA D . 23.98 18.97 16.02
H5 BMA D . 21.30 18.62 14.64
H61 BMA D . 23.42 20.14 13.89
H62 BMA D . 22.11 19.61 12.87
HO2 BMA D . 23.92 15.46 16.55
HO3 BMA D . 22.67 18.11 19.20
HO4 BMA D . 22.69 20.71 17.01
HO6 BMA D . 23.94 17.77 12.75
C1 NAG E . -8.88 -12.03 28.72
C2 NAG E . -9.44 -13.36 28.19
C3 NAG E . -8.55 -14.49 28.58
C4 NAG E . -7.10 -14.18 28.12
C5 NAG E . -6.64 -12.83 28.68
C6 NAG E . -5.23 -12.45 28.24
C7 NAG E . -11.82 -13.22 28.06
C8 NAG E . -13.11 -13.38 28.83
N2 NAG E . -10.75 -13.54 28.72
O3 NAG E . -8.96 -15.70 27.99
O4 NAG E . -6.27 -15.19 28.71
O5 NAG E . -7.56 -11.84 28.22
O6 NAG E . -5.21 -12.44 26.82
O7 NAG E . -11.85 -12.78 26.89
H1 NAG E . -8.82 -12.10 29.81
H2 NAG E . -9.47 -13.31 27.09
H3 NAG E . -8.55 -14.59 29.68
H4 NAG E . -7.07 -14.18 27.02
H5 NAG E . -6.66 -12.88 29.77
H61 NAG E . -4.50 -13.16 28.63
H62 NAG E . -4.98 -11.46 28.62
H81 NAG E . -13.08 -12.74 29.69
H82 NAG E . -13.92 -13.11 28.22
H83 NAG E . -13.21 -14.38 29.15
HN2 NAG E . -10.83 -13.90 29.66
HO3 NAG E . -8.39 -16.42 28.27
HO6 NAG E . -4.34 -12.22 26.52
C1 NAG E . -5.38 -15.70 27.72
C2 NAG E . -4.21 -16.40 28.37
C3 NAG E . -3.30 -17.05 27.31
C4 NAG E . -4.10 -17.98 26.48
C5 NAG E . -5.33 -17.26 25.92
C6 NAG E . -6.17 -18.27 25.20
C7 NAG E . -3.69 -15.27 30.49
C8 NAG E . -2.77 -14.24 31.12
N2 NAG E . -3.43 -15.48 29.21
O3 NAG E . -2.30 -17.79 27.98
O4 NAG E . -3.34 -18.50 25.39
O5 NAG E . -6.11 -16.67 26.96
O6 NAG E . -6.47 -19.27 26.17
O7 NAG E . -4.61 -15.85 31.07
H1 NAG E . -5.00 -14.91 27.05
H2 NAG E . -4.59 -17.21 28.99
H3 NAG E . -2.86 -16.26 26.68
H4 NAG E . -4.43 -18.81 27.13
H5 NAG E . -5.00 -16.48 25.20
H61 NAG E . -5.62 -18.71 24.34
H62 NAG E . -7.09 -17.81 24.81
H81 NAG E . -2.90 -13.31 30.63
H82 NAG E . -3.02 -14.13 32.14
H83 NAG E . -1.77 -14.56 31.03
HN2 NAG E . -2.67 -14.99 28.78
HO3 NAG E . -1.75 -18.24 27.26
HO4 NAG E . -3.78 -19.20 24.85
HO6 NAG E . -7.01 -19.98 25.74
O5 AHR F . 0.20 8.38 -6.29
C5 AHR F . 0.11 9.72 -5.69
C4 AHR F . 1.31 10.69 -5.89
O4 AHR F . 1.59 10.88 -7.30
C3 AHR F . 2.61 10.13 -5.40
O3 AHR F . 2.89 10.21 -4.02
C2 AHR F . 3.68 10.94 -6.25
O2 AHR F . 4.92 10.21 -6.25
C1 AHR F . 2.97 11.25 -7.59
O1 AHR F . 2.99 12.71 -7.58
HO5 AHR F . -0.59 7.90 -6.17
H51 AHR F . -0.78 10.21 -6.08
H52 AHR F . -0.05 9.59 -4.61
H4 AHR F . 1.10 11.65 -5.40
H3 AHR F . 2.67 9.09 -5.72
HO3 AHR F . 3.75 9.85 -3.83
H2 AHR F . 3.84 11.89 -5.72
HO2 AHR F . 5.56 10.71 -6.77
H1 AHR F . 3.42 10.78 -8.46
HO1 AHR F . 3.90 13.03 -7.65
N NO3 G . 5.46 0.67 40.63
O1 NO3 G . 4.78 0.37 39.69
O2 NO3 G . 6.61 -0.06 40.82
O3 NO3 G . 5.28 1.78 41.47
N NO3 H . 24.52 -6.91 -2.81
N NO3 H . 24.97 -6.24 -2.98
O1 NO3 H . 24.71 -6.10 -3.69
O1 NO3 H . 24.19 -5.94 -3.86
O2 NO3 H . 23.41 -7.81 -2.86
O2 NO3 H . 26.22 -6.79 -3.26
O3 NO3 H . 25.44 -6.91 -1.74
O3 NO3 H . 24.67 -6.09 -1.61
N NO3 I . -6.15 21.57 17.70
O1 NO3 I . -6.24 22.00 16.58
O2 NO3 I . -4.97 21.30 18.25
O3 NO3 I . -7.25 21.18 18.50
N NO3 J . 15.24 5.99 -25.85
O1 NO3 J . 14.61 6.84 -25.32
O2 NO3 J . 15.72 6.26 -27.07
O3 NO3 J . 15.68 4.82 -25.34
CL CL K . -10.79 10.09 -21.88
#